data_1BN9
# 
_entry.id   1BN9 
# 
_audit_conform.dict_name       mmcif_pdbx.dic 
_audit_conform.dict_version    5.383 
_audit_conform.dict_location   http://mmcif.pdb.org/dictionaries/ascii/mmcif_pdbx.dic 
# 
loop_
_database_2.database_id 
_database_2.database_code 
_database_2.pdbx_database_accession 
_database_2.pdbx_DOI 
PDB   1BN9         pdb_00001bn9 10.2210/pdb1bn9/pdb 
RCSB  RCSB008029   ?            ?                   
WWPDB D_1000008029 ?            ?                   
# 
loop_
_pdbx_audit_revision_history.ordinal 
_pdbx_audit_revision_history.data_content_type 
_pdbx_audit_revision_history.major_revision 
_pdbx_audit_revision_history.minor_revision 
_pdbx_audit_revision_history.revision_date 
1 'Structure model' 1 0 1998-08-05 
2 'Structure model' 1 1 2008-04-27 
3 'Structure model' 1 2 2011-07-13 
4 'Structure model' 1 3 2022-02-16 
5 'Structure model' 1 4 2023-12-27 
# 
_pdbx_audit_revision_details.ordinal             1 
_pdbx_audit_revision_details.revision_ordinal    1 
_pdbx_audit_revision_details.data_content_type   'Structure model' 
_pdbx_audit_revision_details.provider            repository 
_pdbx_audit_revision_details.type                'Initial release' 
_pdbx_audit_revision_details.description         ? 
_pdbx_audit_revision_details.details             ? 
# 
loop_
_pdbx_audit_revision_group.ordinal 
_pdbx_audit_revision_group.revision_ordinal 
_pdbx_audit_revision_group.data_content_type 
_pdbx_audit_revision_group.group 
1 2 'Structure model' 'Version format compliance' 
2 3 'Structure model' 'Version format compliance' 
3 4 'Structure model' 'Database references'       
4 4 'Structure model' 'Derived calculations'      
5 5 'Structure model' 'Data collection'           
# 
loop_
_pdbx_audit_revision_category.ordinal 
_pdbx_audit_revision_category.revision_ordinal 
_pdbx_audit_revision_category.data_content_type 
_pdbx_audit_revision_category.category 
1 4 'Structure model' database_2            
2 4 'Structure model' pdbx_struct_assembly  
3 4 'Structure model' pdbx_struct_oper_list 
4 5 'Structure model' chem_comp_atom        
5 5 'Structure model' chem_comp_bond        
# 
loop_
_pdbx_audit_revision_item.ordinal 
_pdbx_audit_revision_item.revision_ordinal 
_pdbx_audit_revision_item.data_content_type 
_pdbx_audit_revision_item.item 
1 4 'Structure model' '_database_2.pdbx_DOI'                
2 4 'Structure model' '_database_2.pdbx_database_accession' 
# 
_pdbx_database_status.status_code                     REL 
_pdbx_database_status.entry_id                        1BN9 
_pdbx_database_status.recvd_initial_deposition_date   1998-07-31 
_pdbx_database_status.deposit_site                    BNL 
_pdbx_database_status.process_site                    RCSB 
_pdbx_database_status.SG_entry                        . 
_pdbx_database_status.pdb_format_compatible           Y 
_pdbx_database_status.status_code_mr                  ? 
_pdbx_database_status.status_code_sf                  ? 
_pdbx_database_status.status_code_cs                  ? 
_pdbx_database_status.status_code_nmr_data            ? 
_pdbx_database_status.methods_development_category    ? 
# 
loop_
_audit_author.name 
_audit_author.pdbx_ordinal 
'Castagne, C.'   1 
'Terenzi, H.'    2 
'Zakin, M.M.'    3 
'Delepierre, M.' 4 
# 
_citation.id                        primary 
_citation.title                     
'Solution structure of the orphan nuclear receptor rev-erb beta response element by 1H, 31P NMR and molecular simulation' 
_citation.journal_abbrev            Biochimie 
_citation.journal_volume            82 
_citation.page_first                739 
_citation.page_last                 748 
_citation.year                      2000 
_citation.journal_id_ASTM           BICMBE 
_citation.country                   FR 
_citation.journal_id_ISSN           0300-9084 
_citation.journal_id_CSD            0466 
_citation.book_publisher            ? 
_citation.pdbx_database_id_PubMed   11018291 
_citation.pdbx_database_id_DOI      '10.1016/S0300-9084(00)01148-2' 
# 
loop_
_citation_author.citation_id 
_citation_author.name 
_citation_author.ordinal 
_citation_author.identifier_ORCID 
primary 'Castagne, C.'   1 ? 
primary 'Terenzi, H.'    2 ? 
primary 'Zakin, M.M.'    3 ? 
primary 'Delepierre, M.' 4 ? 
# 
loop_
_entity.id 
_entity.type 
_entity.src_method 
_entity.pdbx_description 
_entity.formula_weight 
_entity.pdbx_number_of_molecules 
_entity.pdbx_ec 
_entity.pdbx_mutation 
_entity.pdbx_fragment 
_entity.details 
1 polymer syn 
;DNA (5'-D(*TP*AP*GP*AP*AP*TP*GP*TP*AP*GP*GP*TP*CP*AP*G)-3')
;
4673.059 1 ? ? ? ? 
2 polymer syn 
;DNA (5'-D(*CP*TP*GP*AP*CP*CP*TP*AP*CP*AP*TP*TP*CP*TP*A)-3')
;
4503.948 1 ? ? ? ? 
# 
loop_
_entity_poly.entity_id 
_entity_poly.type 
_entity_poly.nstd_linkage 
_entity_poly.nstd_monomer 
_entity_poly.pdbx_seq_one_letter_code 
_entity_poly.pdbx_seq_one_letter_code_can 
_entity_poly.pdbx_strand_id 
_entity_poly.pdbx_target_identifier 
1 polydeoxyribonucleotide no no '(DT)(DA)(DG)(DA)(DA)(DT)(DG)(DT)(DA)(DG)(DG)(DT)(DC)(DA)(DG)' TAGAATGTAGGTCAG A ? 
2 polydeoxyribonucleotide no no '(DC)(DT)(DG)(DA)(DC)(DC)(DT)(DA)(DC)(DA)(DT)(DT)(DC)(DT)(DA)' CTGACCTACATTCTA B ? 
# 
loop_
_entity_poly_seq.entity_id 
_entity_poly_seq.num 
_entity_poly_seq.mon_id 
_entity_poly_seq.hetero 
1 1  DT n 
1 2  DA n 
1 3  DG n 
1 4  DA n 
1 5  DA n 
1 6  DT n 
1 7  DG n 
1 8  DT n 
1 9  DA n 
1 10 DG n 
1 11 DG n 
1 12 DT n 
1 13 DC n 
1 14 DA n 
1 15 DG n 
2 1  DC n 
2 2  DT n 
2 3  DG n 
2 4  DA n 
2 5  DC n 
2 6  DC n 
2 7  DT n 
2 8  DA n 
2 9  DC n 
2 10 DA n 
2 11 DT n 
2 12 DT n 
2 13 DC n 
2 14 DT n 
2 15 DA n 
# 
loop_
_chem_comp.id 
_chem_comp.type 
_chem_comp.mon_nstd_flag 
_chem_comp.name 
_chem_comp.pdbx_synonyms 
_chem_comp.formula 
_chem_comp.formula_weight 
DA 'DNA linking' y "2'-DEOXYADENOSINE-5'-MONOPHOSPHATE" ? 'C10 H14 N5 O6 P' 331.222 
DC 'DNA linking' y "2'-DEOXYCYTIDINE-5'-MONOPHOSPHATE"  ? 'C9 H14 N3 O7 P'  307.197 
DG 'DNA linking' y "2'-DEOXYGUANOSINE-5'-MONOPHOSPHATE" ? 'C10 H14 N5 O7 P' 347.221 
DT 'DNA linking' y "THYMIDINE-5'-MONOPHOSPHATE"         ? 'C10 H15 N2 O8 P' 322.208 
# 
loop_
_pdbx_poly_seq_scheme.asym_id 
_pdbx_poly_seq_scheme.entity_id 
_pdbx_poly_seq_scheme.seq_id 
_pdbx_poly_seq_scheme.mon_id 
_pdbx_poly_seq_scheme.ndb_seq_num 
_pdbx_poly_seq_scheme.pdb_seq_num 
_pdbx_poly_seq_scheme.auth_seq_num 
_pdbx_poly_seq_scheme.pdb_mon_id 
_pdbx_poly_seq_scheme.auth_mon_id 
_pdbx_poly_seq_scheme.pdb_strand_id 
_pdbx_poly_seq_scheme.pdb_ins_code 
_pdbx_poly_seq_scheme.hetero 
A 1 1  DT 1  1  1  DT T A . n 
A 1 2  DA 2  2  2  DA A A . n 
A 1 3  DG 3  3  3  DG G A . n 
A 1 4  DA 4  4  4  DA A A . n 
A 1 5  DA 5  5  5  DA A A . n 
A 1 6  DT 6  6  6  DT T A . n 
A 1 7  DG 7  7  7  DG G A . n 
A 1 8  DT 8  8  8  DT T A . n 
A 1 9  DA 9  9  9  DA A A . n 
A 1 10 DG 10 10 10 DG G A . n 
A 1 11 DG 11 11 11 DG G A . n 
A 1 12 DT 12 12 12 DT T A . n 
A 1 13 DC 13 13 13 DC C A . n 
A 1 14 DA 14 14 14 DA A A . n 
A 1 15 DG 15 15 15 DG G A . n 
B 2 1  DC 1  16 16 DC C B . n 
B 2 2  DT 2  17 17 DT T B . n 
B 2 3  DG 3  18 18 DG G B . n 
B 2 4  DA 4  19 19 DA A B . n 
B 2 5  DC 5  20 20 DC C B . n 
B 2 6  DC 6  21 21 DC C B . n 
B 2 7  DT 7  22 22 DT T B . n 
B 2 8  DA 8  23 23 DA A B . n 
B 2 9  DC 9  24 24 DC C B . n 
B 2 10 DA 10 25 25 DA A B . n 
B 2 11 DT 11 26 26 DT T B . n 
B 2 12 DT 12 27 27 DT T B . n 
B 2 13 DC 13 28 28 DC C B . n 
B 2 14 DT 14 29 29 DT T B . n 
B 2 15 DA 15 30 30 DA A B . n 
# 
loop_
_pdbx_unobs_or_zero_occ_atoms.id 
_pdbx_unobs_or_zero_occ_atoms.PDB_model_num 
_pdbx_unobs_or_zero_occ_atoms.polymer_flag 
_pdbx_unobs_or_zero_occ_atoms.occupancy_flag 
_pdbx_unobs_or_zero_occ_atoms.auth_asym_id 
_pdbx_unobs_or_zero_occ_atoms.auth_comp_id 
_pdbx_unobs_or_zero_occ_atoms.auth_seq_id 
_pdbx_unobs_or_zero_occ_atoms.PDB_ins_code 
_pdbx_unobs_or_zero_occ_atoms.auth_atom_id 
_pdbx_unobs_or_zero_occ_atoms.label_alt_id 
_pdbx_unobs_or_zero_occ_atoms.label_asym_id 
_pdbx_unobs_or_zero_occ_atoms.label_comp_id 
_pdbx_unobs_or_zero_occ_atoms.label_seq_id 
_pdbx_unobs_or_zero_occ_atoms.label_atom_id 
1 1 Y 1 A DT 1  ? "O5'" ? A DT 1 "O5'" 
2 1 Y 1 B DC 16 ? "O5'" ? B DC 1 "O5'" 
# 
_cell.entry_id           1BN9 
_cell.length_a           1.000 
_cell.length_b           1.000 
_cell.length_c           1.000 
_cell.angle_alpha        90.00 
_cell.angle_beta         90.00 
_cell.angle_gamma        90.00 
_cell.Z_PDB              1 
_cell.pdbx_unique_axis   ? 
# 
_symmetry.entry_id                         1BN9 
_symmetry.space_group_name_H-M             'P 1' 
_symmetry.pdbx_full_space_group_name_H-M   ? 
_symmetry.cell_setting                     ? 
_symmetry.Int_Tables_number                1 
# 
_exptl.entry_id          1BN9 
_exptl.method            'SOLUTION NMR' 
_exptl.crystals_number   ? 
# 
_struct.entry_id                  1BN9 
_struct.title                     'RESPONSE ELEMENT OF THE ORPHAN NUCLEAR RECEPTOR REV-ERB BETA' 
_struct.pdbx_model_details        ? 
_struct.pdbx_CASP_flag            ? 
_struct.pdbx_model_type_details   ? 
# 
_struct_keywords.entry_id        1BN9 
_struct_keywords.pdbx_keywords   DNA 
_struct_keywords.text            'DNA, RESPONSE ELEMENT, ORPHAN NUCLEAR RECEPTOR' 
# 
loop_
_struct_asym.id 
_struct_asym.pdbx_blank_PDB_chainid_flag 
_struct_asym.pdbx_modified 
_struct_asym.entity_id 
_struct_asym.details 
A N N 1 ? 
B N N 2 ? 
# 
loop_
_struct_ref.id 
_struct_ref.entity_id 
_struct_ref.db_name 
_struct_ref.db_code 
_struct_ref.pdbx_db_accession 
_struct_ref.pdbx_db_isoform 
_struct_ref.pdbx_seq_one_letter_code 
_struct_ref.pdbx_align_begin 
1 1 PDB 1BN9 1BN9 ? ? ? 
2 2 PDB 1BN9 1BN9 ? ? ? 
# 
loop_
_struct_ref_seq.align_id 
_struct_ref_seq.ref_id 
_struct_ref_seq.pdbx_PDB_id_code 
_struct_ref_seq.pdbx_strand_id 
_struct_ref_seq.seq_align_beg 
_struct_ref_seq.pdbx_seq_align_beg_ins_code 
_struct_ref_seq.seq_align_end 
_struct_ref_seq.pdbx_seq_align_end_ins_code 
_struct_ref_seq.pdbx_db_accession 
_struct_ref_seq.db_align_beg 
_struct_ref_seq.pdbx_db_align_beg_ins_code 
_struct_ref_seq.db_align_end 
_struct_ref_seq.pdbx_db_align_end_ins_code 
_struct_ref_seq.pdbx_auth_seq_align_beg 
_struct_ref_seq.pdbx_auth_seq_align_end 
1 1 1BN9 A 1 ? 15 ? 1BN9 1  ? 15 ? 1  15 
2 2 1BN9 B 1 ? 15 ? 1BN9 16 ? 30 ? 16 30 
# 
_pdbx_struct_assembly.id                   1 
_pdbx_struct_assembly.details              author_defined_assembly 
_pdbx_struct_assembly.method_details       ? 
_pdbx_struct_assembly.oligomeric_details   dimeric 
_pdbx_struct_assembly.oligomeric_count     2 
# 
_pdbx_struct_assembly_gen.assembly_id       1 
_pdbx_struct_assembly_gen.oper_expression   1 
_pdbx_struct_assembly_gen.asym_id_list      A,B 
# 
_pdbx_struct_oper_list.id                   1 
_pdbx_struct_oper_list.type                 'identity operation' 
_pdbx_struct_oper_list.name                 1_555 
_pdbx_struct_oper_list.symmetry_operation   x,y,z 
_pdbx_struct_oper_list.matrix[1][1]         1.0000000000 
_pdbx_struct_oper_list.matrix[1][2]         0.0000000000 
_pdbx_struct_oper_list.matrix[1][3]         0.0000000000 
_pdbx_struct_oper_list.vector[1]            0.0000000000 
_pdbx_struct_oper_list.matrix[2][1]         0.0000000000 
_pdbx_struct_oper_list.matrix[2][2]         1.0000000000 
_pdbx_struct_oper_list.matrix[2][3]         0.0000000000 
_pdbx_struct_oper_list.vector[2]            0.0000000000 
_pdbx_struct_oper_list.matrix[3][1]         0.0000000000 
_pdbx_struct_oper_list.matrix[3][2]         0.0000000000 
_pdbx_struct_oper_list.matrix[3][3]         1.0000000000 
_pdbx_struct_oper_list.vector[3]            0.0000000000 
# 
_struct_biol.id   1 
# 
loop_
_struct_conn.id 
_struct_conn.conn_type_id 
_struct_conn.pdbx_leaving_atom_flag 
_struct_conn.pdbx_PDB_id 
_struct_conn.ptnr1_label_asym_id 
_struct_conn.ptnr1_label_comp_id 
_struct_conn.ptnr1_label_seq_id 
_struct_conn.ptnr1_label_atom_id 
_struct_conn.pdbx_ptnr1_label_alt_id 
_struct_conn.pdbx_ptnr1_PDB_ins_code 
_struct_conn.pdbx_ptnr1_standard_comp_id 
_struct_conn.ptnr1_symmetry 
_struct_conn.ptnr2_label_asym_id 
_struct_conn.ptnr2_label_comp_id 
_struct_conn.ptnr2_label_seq_id 
_struct_conn.ptnr2_label_atom_id 
_struct_conn.pdbx_ptnr2_label_alt_id 
_struct_conn.pdbx_ptnr2_PDB_ins_code 
_struct_conn.ptnr1_auth_asym_id 
_struct_conn.ptnr1_auth_comp_id 
_struct_conn.ptnr1_auth_seq_id 
_struct_conn.ptnr2_auth_asym_id 
_struct_conn.ptnr2_auth_comp_id 
_struct_conn.ptnr2_auth_seq_id 
_struct_conn.ptnr2_symmetry 
_struct_conn.pdbx_ptnr3_label_atom_id 
_struct_conn.pdbx_ptnr3_label_seq_id 
_struct_conn.pdbx_ptnr3_label_comp_id 
_struct_conn.pdbx_ptnr3_label_asym_id 
_struct_conn.pdbx_ptnr3_label_alt_id 
_struct_conn.pdbx_ptnr3_PDB_ins_code 
_struct_conn.details 
_struct_conn.pdbx_dist_value 
_struct_conn.pdbx_value_order 
_struct_conn.pdbx_role 
hydrog1  hydrog ? ? A DT 1  N3 ? ? ? 1_555 B DA 15 N1 ? ? A DT 1  B DA 30 1_555 ? ? ? ? ? ? WATSON-CRICK ? ? ? 
hydrog2  hydrog ? ? A DT 1  O4 ? ? ? 1_555 B DA 15 N6 ? ? A DT 1  B DA 30 1_555 ? ? ? ? ? ? WATSON-CRICK ? ? ? 
hydrog3  hydrog ? ? A DA 2  N1 ? ? ? 1_555 B DT 14 N3 ? ? A DA 2  B DT 29 1_555 ? ? ? ? ? ? WATSON-CRICK ? ? ? 
hydrog4  hydrog ? ? A DA 2  N6 ? ? ? 1_555 B DT 14 O4 ? ? A DA 2  B DT 29 1_555 ? ? ? ? ? ? WATSON-CRICK ? ? ? 
hydrog5  hydrog ? ? A DG 3  N1 ? ? ? 1_555 B DC 13 N3 ? ? A DG 3  B DC 28 1_555 ? ? ? ? ? ? WATSON-CRICK ? ? ? 
hydrog6  hydrog ? ? A DG 3  N2 ? ? ? 1_555 B DC 13 O2 ? ? A DG 3  B DC 28 1_555 ? ? ? ? ? ? WATSON-CRICK ? ? ? 
hydrog7  hydrog ? ? A DG 3  O6 ? ? ? 1_555 B DC 13 N4 ? ? A DG 3  B DC 28 1_555 ? ? ? ? ? ? WATSON-CRICK ? ? ? 
hydrog8  hydrog ? ? A DA 4  N1 ? ? ? 1_555 B DT 12 N3 ? ? A DA 4  B DT 27 1_555 ? ? ? ? ? ? WATSON-CRICK ? ? ? 
hydrog9  hydrog ? ? A DA 4  N6 ? ? ? 1_555 B DT 12 O4 ? ? A DA 4  B DT 27 1_555 ? ? ? ? ? ? WATSON-CRICK ? ? ? 
hydrog10 hydrog ? ? A DA 5  N1 ? ? ? 1_555 B DT 11 N3 ? ? A DA 5  B DT 26 1_555 ? ? ? ? ? ? WATSON-CRICK ? ? ? 
hydrog11 hydrog ? ? A DA 5  N6 ? ? ? 1_555 B DT 11 O4 ? ? A DA 5  B DT 26 1_555 ? ? ? ? ? ? WATSON-CRICK ? ? ? 
hydrog12 hydrog ? ? A DT 6  N3 ? ? ? 1_555 B DA 10 N1 ? ? A DT 6  B DA 25 1_555 ? ? ? ? ? ? WATSON-CRICK ? ? ? 
hydrog13 hydrog ? ? A DT 6  O4 ? ? ? 1_555 B DA 10 N6 ? ? A DT 6  B DA 25 1_555 ? ? ? ? ? ? WATSON-CRICK ? ? ? 
hydrog14 hydrog ? ? A DG 7  N1 ? ? ? 1_555 B DC 9  N3 ? ? A DG 7  B DC 24 1_555 ? ? ? ? ? ? WATSON-CRICK ? ? ? 
hydrog15 hydrog ? ? A DG 7  N2 ? ? ? 1_555 B DC 9  O2 ? ? A DG 7  B DC 24 1_555 ? ? ? ? ? ? WATSON-CRICK ? ? ? 
hydrog16 hydrog ? ? A DG 7  O6 ? ? ? 1_555 B DC 9  N4 ? ? A DG 7  B DC 24 1_555 ? ? ? ? ? ? WATSON-CRICK ? ? ? 
hydrog17 hydrog ? ? A DT 8  N3 ? ? ? 1_555 B DA 8  N1 ? ? A DT 8  B DA 23 1_555 ? ? ? ? ? ? WATSON-CRICK ? ? ? 
hydrog18 hydrog ? ? A DT 8  O4 ? ? ? 1_555 B DA 8  N6 ? ? A DT 8  B DA 23 1_555 ? ? ? ? ? ? WATSON-CRICK ? ? ? 
hydrog19 hydrog ? ? A DA 9  N1 ? ? ? 1_555 B DT 7  N3 ? ? A DA 9  B DT 22 1_555 ? ? ? ? ? ? WATSON-CRICK ? ? ? 
hydrog20 hydrog ? ? A DA 9  N6 ? ? ? 1_555 B DT 7  O4 ? ? A DA 9  B DT 22 1_555 ? ? ? ? ? ? WATSON-CRICK ? ? ? 
hydrog21 hydrog ? ? A DG 10 N1 ? ? ? 1_555 B DC 6  N3 ? ? A DG 10 B DC 21 1_555 ? ? ? ? ? ? WATSON-CRICK ? ? ? 
hydrog22 hydrog ? ? A DG 10 N2 ? ? ? 1_555 B DC 6  O2 ? ? A DG 10 B DC 21 1_555 ? ? ? ? ? ? WATSON-CRICK ? ? ? 
hydrog23 hydrog ? ? A DG 10 O6 ? ? ? 1_555 B DC 6  N4 ? ? A DG 10 B DC 21 1_555 ? ? ? ? ? ? WATSON-CRICK ? ? ? 
hydrog24 hydrog ? ? A DG 11 N1 ? ? ? 1_555 B DC 5  N3 ? ? A DG 11 B DC 20 1_555 ? ? ? ? ? ? WATSON-CRICK ? ? ? 
hydrog25 hydrog ? ? A DG 11 N2 ? ? ? 1_555 B DC 5  O2 ? ? A DG 11 B DC 20 1_555 ? ? ? ? ? ? WATSON-CRICK ? ? ? 
hydrog26 hydrog ? ? A DG 11 O6 ? ? ? 1_555 B DC 5  N4 ? ? A DG 11 B DC 20 1_555 ? ? ? ? ? ? WATSON-CRICK ? ? ? 
hydrog27 hydrog ? ? A DT 12 N3 ? ? ? 1_555 B DA 4  N1 ? ? A DT 12 B DA 19 1_555 ? ? ? ? ? ? WATSON-CRICK ? ? ? 
hydrog28 hydrog ? ? A DT 12 O4 ? ? ? 1_555 B DA 4  N6 ? ? A DT 12 B DA 19 1_555 ? ? ? ? ? ? WATSON-CRICK ? ? ? 
hydrog29 hydrog ? ? A DC 13 N3 ? ? ? 1_555 B DG 3  N1 ? ? A DC 13 B DG 18 1_555 ? ? ? ? ? ? WATSON-CRICK ? ? ? 
hydrog30 hydrog ? ? A DC 13 N4 ? ? ? 1_555 B DG 3  O6 ? ? A DC 13 B DG 18 1_555 ? ? ? ? ? ? WATSON-CRICK ? ? ? 
hydrog31 hydrog ? ? A DC 13 O2 ? ? ? 1_555 B DG 3  N2 ? ? A DC 13 B DG 18 1_555 ? ? ? ? ? ? WATSON-CRICK ? ? ? 
hydrog32 hydrog ? ? A DA 14 N1 ? ? ? 1_555 B DT 2  N3 ? ? A DA 14 B DT 17 1_555 ? ? ? ? ? ? WATSON-CRICK ? ? ? 
hydrog33 hydrog ? ? A DA 14 N6 ? ? ? 1_555 B DT 2  O4 ? ? A DA 14 B DT 17 1_555 ? ? ? ? ? ? WATSON-CRICK ? ? ? 
hydrog34 hydrog ? ? A DG 15 N1 ? ? ? 1_555 B DC 1  N3 ? ? A DG 15 B DC 16 1_555 ? ? ? ? ? ? WATSON-CRICK ? ? ? 
hydrog35 hydrog ? ? A DG 15 N2 ? ? ? 1_555 B DC 1  O2 ? ? A DG 15 B DC 16 1_555 ? ? ? ? ? ? WATSON-CRICK ? ? ? 
hydrog36 hydrog ? ? A DG 15 O6 ? ? ? 1_555 B DC 1  N4 ? ? A DG 15 B DC 16 1_555 ? ? ? ? ? ? WATSON-CRICK ? ? ? 
# 
_struct_conn_type.id          hydrog 
_struct_conn_type.criteria    ? 
_struct_conn_type.reference   ? 
# 
loop_
_pdbx_validate_rmsd_angle.id 
_pdbx_validate_rmsd_angle.PDB_model_num 
_pdbx_validate_rmsd_angle.auth_atom_id_1 
_pdbx_validate_rmsd_angle.auth_asym_id_1 
_pdbx_validate_rmsd_angle.auth_comp_id_1 
_pdbx_validate_rmsd_angle.auth_seq_id_1 
_pdbx_validate_rmsd_angle.PDB_ins_code_1 
_pdbx_validate_rmsd_angle.label_alt_id_1 
_pdbx_validate_rmsd_angle.auth_atom_id_2 
_pdbx_validate_rmsd_angle.auth_asym_id_2 
_pdbx_validate_rmsd_angle.auth_comp_id_2 
_pdbx_validate_rmsd_angle.auth_seq_id_2 
_pdbx_validate_rmsd_angle.PDB_ins_code_2 
_pdbx_validate_rmsd_angle.label_alt_id_2 
_pdbx_validate_rmsd_angle.auth_atom_id_3 
_pdbx_validate_rmsd_angle.auth_asym_id_3 
_pdbx_validate_rmsd_angle.auth_comp_id_3 
_pdbx_validate_rmsd_angle.auth_seq_id_3 
_pdbx_validate_rmsd_angle.PDB_ins_code_3 
_pdbx_validate_rmsd_angle.label_alt_id_3 
_pdbx_validate_rmsd_angle.angle_value 
_pdbx_validate_rmsd_angle.angle_target_value 
_pdbx_validate_rmsd_angle.angle_deviation 
_pdbx_validate_rmsd_angle.angle_standard_deviation 
_pdbx_validate_rmsd_angle.linker_flag 
1  1 "O4'" A DT 1  ? ? "C1'" A DT 1  ? ? N1 A DT 1  ? ? 110.79 108.30 2.49 0.30 N 
2  1 "O4'" A DA 2  ? ? "C1'" A DA 2  ? ? N9 A DA 2  ? ? 111.45 108.30 3.15 0.30 N 
3  1 "O4'" A DG 3  ? ? "C1'" A DG 3  ? ? N9 A DG 3  ? ? 111.53 108.30 3.23 0.30 N 
4  1 "O4'" A DA 4  ? ? "C1'" A DA 4  ? ? N9 A DA 4  ? ? 111.63 108.30 3.33 0.30 N 
5  1 "O4'" A DA 5  ? ? "C1'" A DA 5  ? ? N9 A DA 5  ? ? 110.80 108.30 2.50 0.30 N 
6  1 "O4'" A DT 6  ? ? "C1'" A DT 6  ? ? N1 A DT 6  ? ? 111.91 108.30 3.61 0.30 N 
7  1 "O4'" A DG 7  ? ? "C1'" A DG 7  ? ? N9 A DG 7  ? ? 110.92 108.30 2.62 0.30 N 
8  1 "O4'" A DT 8  ? ? "C1'" A DT 8  ? ? N1 A DT 8  ? ? 111.67 108.30 3.37 0.30 N 
9  1 "O4'" A DA 9  ? ? "C1'" A DA 9  ? ? N9 A DA 9  ? ? 111.38 108.30 3.08 0.30 N 
10 1 "O4'" A DG 10 ? ? "C1'" A DG 10 ? ? N9 A DG 10 ? ? 112.08 108.30 3.78 0.30 N 
11 1 "O4'" A DG 11 ? ? "C1'" A DG 11 ? ? N9 A DG 11 ? ? 111.22 108.30 2.92 0.30 N 
12 1 "O4'" A DT 12 ? ? "C1'" A DT 12 ? ? N1 A DT 12 ? ? 110.97 108.30 2.67 0.30 N 
13 1 "O4'" A DC 13 ? ? "C1'" A DC 13 ? ? N1 A DC 13 ? ? 112.06 108.30 3.76 0.30 N 
14 1 "O4'" A DA 14 ? ? "C1'" A DA 14 ? ? N9 A DA 14 ? ? 110.69 108.30 2.39 0.30 N 
15 1 "O4'" A DG 15 ? ? "C1'" A DG 15 ? ? N9 A DG 15 ? ? 111.70 108.30 3.40 0.30 N 
16 1 "O4'" B DC 16 ? ? "C1'" B DC 16 ? ? N1 B DC 16 ? ? 111.08 108.30 2.78 0.30 N 
17 1 "O4'" B DT 17 ? ? "C1'" B DT 17 ? ? N1 B DT 17 ? ? 110.83 108.30 2.53 0.30 N 
18 1 "O4'" B DG 18 ? ? "C1'" B DG 18 ? ? N9 B DG 18 ? ? 111.28 108.30 2.98 0.30 N 
19 1 "O4'" B DA 19 ? ? "C1'" B DA 19 ? ? N9 B DA 19 ? ? 111.54 108.30 3.24 0.30 N 
20 1 "O4'" B DC 20 ? ? "C1'" B DC 20 ? ? N1 B DC 20 ? ? 111.74 108.30 3.44 0.30 N 
21 1 "O4'" B DC 21 ? ? "C1'" B DC 21 ? ? N1 B DC 21 ? ? 111.05 108.30 2.75 0.30 N 
22 1 "O4'" B DT 22 ? ? "C1'" B DT 22 ? ? N1 B DT 22 ? ? 111.02 108.30 2.72 0.30 N 
23 1 "O4'" B DA 23 ? ? "C1'" B DA 23 ? ? N9 B DA 23 ? ? 111.36 108.30 3.06 0.30 N 
24 1 "O4'" B DC 24 ? ? "C1'" B DC 24 ? ? N1 B DC 24 ? ? 111.78 108.30 3.48 0.30 N 
25 1 "O4'" B DA 25 ? ? "C1'" B DA 25 ? ? N9 B DA 25 ? ? 110.77 108.30 2.47 0.30 N 
26 1 "O4'" B DT 26 ? ? "C1'" B DT 26 ? ? N1 B DT 26 ? ? 111.74 108.30 3.44 0.30 N 
27 1 "O4'" B DT 27 ? ? "C1'" B DT 27 ? ? N1 B DT 27 ? ? 111.54 108.30 3.24 0.30 N 
28 1 "O4'" B DC 28 ? ? "C1'" B DC 28 ? ? N1 B DC 28 ? ? 111.20 108.30 2.90 0.30 N 
29 1 "O4'" B DT 29 ? ? "C1'" B DT 29 ? ? N1 B DT 29 ? ? 111.52 108.30 3.22 0.30 N 
30 1 "O4'" B DA 30 ? ? "C1'" B DA 30 ? ? N9 B DA 30 ? ? 111.97 108.30 3.67 0.30 N 
# 
_pdbx_nmr_ensemble.entry_id                                      1BN9 
_pdbx_nmr_ensemble.conformers_calculated_total_number            1 
_pdbx_nmr_ensemble.conformers_submitted_total_number             1 
_pdbx_nmr_ensemble.conformer_selection_criteria                  ? 
_pdbx_nmr_ensemble.average_constraints_per_residue               ? 
_pdbx_nmr_ensemble.average_constraint_violations_per_residue     ? 
_pdbx_nmr_ensemble.maximum_distance_constraint_violation         ? 
_pdbx_nmr_ensemble.average_distance_constraint_violation         ? 
_pdbx_nmr_ensemble.maximum_upper_distance_constraint_violation   ? 
_pdbx_nmr_ensemble.maximum_lower_distance_constraint_violation   ? 
_pdbx_nmr_ensemble.distance_constraint_violation_method          ? 
_pdbx_nmr_ensemble.maximum_torsion_angle_constraint_violation    ? 
_pdbx_nmr_ensemble.average_torsion_angle_constraint_violation    ? 
_pdbx_nmr_ensemble.torsion_angle_constraint_violation_method     ? 
# 
_pdbx_nmr_exptl_sample_conditions.conditions_id       1 
_pdbx_nmr_exptl_sample_conditions.temperature         303 
_pdbx_nmr_exptl_sample_conditions.pressure            ? 
_pdbx_nmr_exptl_sample_conditions.pH                  7.0 
_pdbx_nmr_exptl_sample_conditions.ionic_strength      ? 
_pdbx_nmr_exptl_sample_conditions.pressure_units      ? 
_pdbx_nmr_exptl_sample_conditions.temperature_units   K 
# 
loop_
_pdbx_nmr_exptl.experiment_id 
_pdbx_nmr_exptl.conditions_id 
_pdbx_nmr_exptl.type 
_pdbx_nmr_exptl.solution_id 
1 1 NOESY 1 
2 1 TOCSY 1 
# 
_pdbx_nmr_details.entry_id   1BN9 
_pdbx_nmr_details.text       'BEST REFINED STRUCTURE. NULL' 
# 
_pdbx_nmr_refine.entry_id           1BN9 
_pdbx_nmr_refine.method             'distance geometry' 
_pdbx_nmr_refine.details            
;REFINEMENT BASED ON FACTOR R IMPROVEMENT. SEE TISNE ET AL, (1998) J.MOL.BIOL. 
279, 127-142
;
_pdbx_nmr_refine.software_ordinal   1 
# 
loop_
_pdbx_nmr_software.classification 
_pdbx_nmr_software.name 
_pdbx_nmr_software.version 
_pdbx_nmr_software.authors 
_pdbx_nmr_software.ordinal 
refinement           'PERSONAL PROGRAM' '(JUMNA)' 'LAVERY, R, SKLENAR, H., ZAKREZEWSKA, K. AND PULLMAN, B.' 1 
'structure solution' VNMR               5.3       ?                                                         2 
# 
loop_
_chem_comp_atom.comp_id 
_chem_comp_atom.atom_id 
_chem_comp_atom.type_symbol 
_chem_comp_atom.pdbx_aromatic_flag 
_chem_comp_atom.pdbx_stereo_config 
_chem_comp_atom.pdbx_ordinal 
DA OP3    O N N 1   
DA P      P N N 2   
DA OP1    O N N 3   
DA OP2    O N N 4   
DA "O5'"  O N N 5   
DA "C5'"  C N N 6   
DA "C4'"  C N R 7   
DA "O4'"  O N N 8   
DA "C3'"  C N S 9   
DA "O3'"  O N N 10  
DA "C2'"  C N N 11  
DA "C1'"  C N R 12  
DA N9     N Y N 13  
DA C8     C Y N 14  
DA N7     N Y N 15  
DA C5     C Y N 16  
DA C6     C Y N 17  
DA N6     N N N 18  
DA N1     N Y N 19  
DA C2     C Y N 20  
DA N3     N Y N 21  
DA C4     C Y N 22  
DA HOP3   H N N 23  
DA HOP2   H N N 24  
DA "H5'"  H N N 25  
DA "H5''" H N N 26  
DA "H4'"  H N N 27  
DA "H3'"  H N N 28  
DA "HO3'" H N N 29  
DA "H2'"  H N N 30  
DA "H2''" H N N 31  
DA "H1'"  H N N 32  
DA H8     H N N 33  
DA H61    H N N 34  
DA H62    H N N 35  
DA H2     H N N 36  
DC OP3    O N N 37  
DC P      P N N 38  
DC OP1    O N N 39  
DC OP2    O N N 40  
DC "O5'"  O N N 41  
DC "C5'"  C N N 42  
DC "C4'"  C N R 43  
DC "O4'"  O N N 44  
DC "C3'"  C N S 45  
DC "O3'"  O N N 46  
DC "C2'"  C N N 47  
DC "C1'"  C N R 48  
DC N1     N N N 49  
DC C2     C N N 50  
DC O2     O N N 51  
DC N3     N N N 52  
DC C4     C N N 53  
DC N4     N N N 54  
DC C5     C N N 55  
DC C6     C N N 56  
DC HOP3   H N N 57  
DC HOP2   H N N 58  
DC "H5'"  H N N 59  
DC "H5''" H N N 60  
DC "H4'"  H N N 61  
DC "H3'"  H N N 62  
DC "HO3'" H N N 63  
DC "H2'"  H N N 64  
DC "H2''" H N N 65  
DC "H1'"  H N N 66  
DC H41    H N N 67  
DC H42    H N N 68  
DC H5     H N N 69  
DC H6     H N N 70  
DG OP3    O N N 71  
DG P      P N N 72  
DG OP1    O N N 73  
DG OP2    O N N 74  
DG "O5'"  O N N 75  
DG "C5'"  C N N 76  
DG "C4'"  C N R 77  
DG "O4'"  O N N 78  
DG "C3'"  C N S 79  
DG "O3'"  O N N 80  
DG "C2'"  C N N 81  
DG "C1'"  C N R 82  
DG N9     N Y N 83  
DG C8     C Y N 84  
DG N7     N Y N 85  
DG C5     C Y N 86  
DG C6     C N N 87  
DG O6     O N N 88  
DG N1     N N N 89  
DG C2     C N N 90  
DG N2     N N N 91  
DG N3     N N N 92  
DG C4     C Y N 93  
DG HOP3   H N N 94  
DG HOP2   H N N 95  
DG "H5'"  H N N 96  
DG "H5''" H N N 97  
DG "H4'"  H N N 98  
DG "H3'"  H N N 99  
DG "HO3'" H N N 100 
DG "H2'"  H N N 101 
DG "H2''" H N N 102 
DG "H1'"  H N N 103 
DG H8     H N N 104 
DG H1     H N N 105 
DG H21    H N N 106 
DG H22    H N N 107 
DT OP3    O N N 108 
DT P      P N N 109 
DT OP1    O N N 110 
DT OP2    O N N 111 
DT "O5'"  O N N 112 
DT "C5'"  C N N 113 
DT "C4'"  C N R 114 
DT "O4'"  O N N 115 
DT "C3'"  C N S 116 
DT "O3'"  O N N 117 
DT "C2'"  C N N 118 
DT "C1'"  C N R 119 
DT N1     N N N 120 
DT C2     C N N 121 
DT O2     O N N 122 
DT N3     N N N 123 
DT C4     C N N 124 
DT O4     O N N 125 
DT C5     C N N 126 
DT C7     C N N 127 
DT C6     C N N 128 
DT HOP3   H N N 129 
DT HOP2   H N N 130 
DT "H5'"  H N N 131 
DT "H5''" H N N 132 
DT "H4'"  H N N 133 
DT "H3'"  H N N 134 
DT "HO3'" H N N 135 
DT "H2'"  H N N 136 
DT "H2''" H N N 137 
DT "H1'"  H N N 138 
DT H3     H N N 139 
DT H71    H N N 140 
DT H72    H N N 141 
DT H73    H N N 142 
DT H6     H N N 143 
# 
loop_
_chem_comp_bond.comp_id 
_chem_comp_bond.atom_id_1 
_chem_comp_bond.atom_id_2 
_chem_comp_bond.value_order 
_chem_comp_bond.pdbx_aromatic_flag 
_chem_comp_bond.pdbx_stereo_config 
_chem_comp_bond.pdbx_ordinal 
DA OP3   P      sing N N 1   
DA OP3   HOP3   sing N N 2   
DA P     OP1    doub N N 3   
DA P     OP2    sing N N 4   
DA P     "O5'"  sing N N 5   
DA OP2   HOP2   sing N N 6   
DA "O5'" "C5'"  sing N N 7   
DA "C5'" "C4'"  sing N N 8   
DA "C5'" "H5'"  sing N N 9   
DA "C5'" "H5''" sing N N 10  
DA "C4'" "O4'"  sing N N 11  
DA "C4'" "C3'"  sing N N 12  
DA "C4'" "H4'"  sing N N 13  
DA "O4'" "C1'"  sing N N 14  
DA "C3'" "O3'"  sing N N 15  
DA "C3'" "C2'"  sing N N 16  
DA "C3'" "H3'"  sing N N 17  
DA "O3'" "HO3'" sing N N 18  
DA "C2'" "C1'"  sing N N 19  
DA "C2'" "H2'"  sing N N 20  
DA "C2'" "H2''" sing N N 21  
DA "C1'" N9     sing N N 22  
DA "C1'" "H1'"  sing N N 23  
DA N9    C8     sing Y N 24  
DA N9    C4     sing Y N 25  
DA C8    N7     doub Y N 26  
DA C8    H8     sing N N 27  
DA N7    C5     sing Y N 28  
DA C5    C6     sing Y N 29  
DA C5    C4     doub Y N 30  
DA C6    N6     sing N N 31  
DA C6    N1     doub Y N 32  
DA N6    H61    sing N N 33  
DA N6    H62    sing N N 34  
DA N1    C2     sing Y N 35  
DA C2    N3     doub Y N 36  
DA C2    H2     sing N N 37  
DA N3    C4     sing Y N 38  
DC OP3   P      sing N N 39  
DC OP3   HOP3   sing N N 40  
DC P     OP1    doub N N 41  
DC P     OP2    sing N N 42  
DC P     "O5'"  sing N N 43  
DC OP2   HOP2   sing N N 44  
DC "O5'" "C5'"  sing N N 45  
DC "C5'" "C4'"  sing N N 46  
DC "C5'" "H5'"  sing N N 47  
DC "C5'" "H5''" sing N N 48  
DC "C4'" "O4'"  sing N N 49  
DC "C4'" "C3'"  sing N N 50  
DC "C4'" "H4'"  sing N N 51  
DC "O4'" "C1'"  sing N N 52  
DC "C3'" "O3'"  sing N N 53  
DC "C3'" "C2'"  sing N N 54  
DC "C3'" "H3'"  sing N N 55  
DC "O3'" "HO3'" sing N N 56  
DC "C2'" "C1'"  sing N N 57  
DC "C2'" "H2'"  sing N N 58  
DC "C2'" "H2''" sing N N 59  
DC "C1'" N1     sing N N 60  
DC "C1'" "H1'"  sing N N 61  
DC N1    C2     sing N N 62  
DC N1    C6     sing N N 63  
DC C2    O2     doub N N 64  
DC C2    N3     sing N N 65  
DC N3    C4     doub N N 66  
DC C4    N4     sing N N 67  
DC C4    C5     sing N N 68  
DC N4    H41    sing N N 69  
DC N4    H42    sing N N 70  
DC C5    C6     doub N N 71  
DC C5    H5     sing N N 72  
DC C6    H6     sing N N 73  
DG OP3   P      sing N N 74  
DG OP3   HOP3   sing N N 75  
DG P     OP1    doub N N 76  
DG P     OP2    sing N N 77  
DG P     "O5'"  sing N N 78  
DG OP2   HOP2   sing N N 79  
DG "O5'" "C5'"  sing N N 80  
DG "C5'" "C4'"  sing N N 81  
DG "C5'" "H5'"  sing N N 82  
DG "C5'" "H5''" sing N N 83  
DG "C4'" "O4'"  sing N N 84  
DG "C4'" "C3'"  sing N N 85  
DG "C4'" "H4'"  sing N N 86  
DG "O4'" "C1'"  sing N N 87  
DG "C3'" "O3'"  sing N N 88  
DG "C3'" "C2'"  sing N N 89  
DG "C3'" "H3'"  sing N N 90  
DG "O3'" "HO3'" sing N N 91  
DG "C2'" "C1'"  sing N N 92  
DG "C2'" "H2'"  sing N N 93  
DG "C2'" "H2''" sing N N 94  
DG "C1'" N9     sing N N 95  
DG "C1'" "H1'"  sing N N 96  
DG N9    C8     sing Y N 97  
DG N9    C4     sing Y N 98  
DG C8    N7     doub Y N 99  
DG C8    H8     sing N N 100 
DG N7    C5     sing Y N 101 
DG C5    C6     sing N N 102 
DG C5    C4     doub Y N 103 
DG C6    O6     doub N N 104 
DG C6    N1     sing N N 105 
DG N1    C2     sing N N 106 
DG N1    H1     sing N N 107 
DG C2    N2     sing N N 108 
DG C2    N3     doub N N 109 
DG N2    H21    sing N N 110 
DG N2    H22    sing N N 111 
DG N3    C4     sing N N 112 
DT OP3   P      sing N N 113 
DT OP3   HOP3   sing N N 114 
DT P     OP1    doub N N 115 
DT P     OP2    sing N N 116 
DT P     "O5'"  sing N N 117 
DT OP2   HOP2   sing N N 118 
DT "O5'" "C5'"  sing N N 119 
DT "C5'" "C4'"  sing N N 120 
DT "C5'" "H5'"  sing N N 121 
DT "C5'" "H5''" sing N N 122 
DT "C4'" "O4'"  sing N N 123 
DT "C4'" "C3'"  sing N N 124 
DT "C4'" "H4'"  sing N N 125 
DT "O4'" "C1'"  sing N N 126 
DT "C3'" "O3'"  sing N N 127 
DT "C3'" "C2'"  sing N N 128 
DT "C3'" "H3'"  sing N N 129 
DT "O3'" "HO3'" sing N N 130 
DT "C2'" "C1'"  sing N N 131 
DT "C2'" "H2'"  sing N N 132 
DT "C2'" "H2''" sing N N 133 
DT "C1'" N1     sing N N 134 
DT "C1'" "H1'"  sing N N 135 
DT N1    C2     sing N N 136 
DT N1    C6     sing N N 137 
DT C2    O2     doub N N 138 
DT C2    N3     sing N N 139 
DT N3    C4     sing N N 140 
DT N3    H3     sing N N 141 
DT C4    O4     doub N N 142 
DT C4    C5     sing N N 143 
DT C5    C7     sing N N 144 
DT C5    C6     doub N N 145 
DT C7    H71    sing N N 146 
DT C7    H72    sing N N 147 
DT C7    H73    sing N N 148 
DT C6    H6     sing N N 149 
# 
loop_
_ndb_struct_conf_na.entry_id 
_ndb_struct_conf_na.feature 
1BN9 'double helix'        
1BN9 'b-form double helix' 
# 
loop_
_ndb_struct_na_base_pair.model_number 
_ndb_struct_na_base_pair.i_label_asym_id 
_ndb_struct_na_base_pair.i_label_comp_id 
_ndb_struct_na_base_pair.i_label_seq_id 
_ndb_struct_na_base_pair.i_symmetry 
_ndb_struct_na_base_pair.j_label_asym_id 
_ndb_struct_na_base_pair.j_label_comp_id 
_ndb_struct_na_base_pair.j_label_seq_id 
_ndb_struct_na_base_pair.j_symmetry 
_ndb_struct_na_base_pair.shear 
_ndb_struct_na_base_pair.stretch 
_ndb_struct_na_base_pair.stagger 
_ndb_struct_na_base_pair.buckle 
_ndb_struct_na_base_pair.propeller 
_ndb_struct_na_base_pair.opening 
_ndb_struct_na_base_pair.pair_number 
_ndb_struct_na_base_pair.pair_name 
_ndb_struct_na_base_pair.i_auth_asym_id 
_ndb_struct_na_base_pair.i_auth_seq_id 
_ndb_struct_na_base_pair.i_PDB_ins_code 
_ndb_struct_na_base_pair.j_auth_asym_id 
_ndb_struct_na_base_pair.j_auth_seq_id 
_ndb_struct_na_base_pair.j_PDB_ins_code 
_ndb_struct_na_base_pair.hbond_type_28 
_ndb_struct_na_base_pair.hbond_type_12 
1 A DT 1  1_555 B DA 15 1_555 -0.105 -0.008 0.155  5.253  -5.889  -2.683 1  A_DT1:DA30_B  A 1  ? B 30 ? 20 1 
1 A DA 2  1_555 B DT 14 1_555 0.069  -0.030 -0.015 8.743  -13.644 0.430  2  A_DA2:DT29_B  A 2  ? B 29 ? 20 1 
1 A DG 3  1_555 B DC 13 1_555 -0.290 -0.055 0.251  10.586 -0.604  -1.728 3  A_DG3:DC28_B  A 3  ? B 28 ? 19 1 
1 A DA 4  1_555 B DT 12 1_555 0.018  -0.024 -0.111 -6.501 -6.589  0.878  4  A_DA4:DT27_B  A 4  ? B 27 ? 20 1 
1 A DA 5  1_555 B DT 11 1_555 0.136  -0.005 0.046  -1.790 -12.017 -2.431 5  A_DA5:DT26_B  A 5  ? B 26 ? 20 1 
1 A DT 6  1_555 B DA 10 1_555 -0.052 -0.017 0.101  -2.597 -12.922 -3.235 6  A_DT6:DA25_B  A 6  ? B 25 ? 20 1 
1 A DG 7  1_555 B DC 9  1_555 -0.376 -0.091 0.317  3.039  -4.234  -1.164 7  A_DG7:DC24_B  A 7  ? B 24 ? 19 1 
1 A DT 8  1_555 B DA 8  1_555 -0.028 -0.019 0.174  -2.938 -13.311 -2.866 8  A_DT8:DA23_B  A 8  ? B 23 ? 20 1 
1 A DA 9  1_555 B DT 7  1_555 0.075  -0.012 0.150  3.241  -7.225  -2.832 9  A_DA9:DT22_B  A 9  ? B 22 ? 20 1 
1 A DG 10 1_555 B DC 6  1_555 -0.285 -0.036 0.277  15.196 8.076   -1.122 10 A_DG10:DC21_B A 10 ? B 21 ? 19 1 
1 A DG 11 1_555 B DC 5  1_555 -0.527 -0.117 -0.195 -4.084 3.684   -0.603 11 A_DG11:DC20_B A 11 ? B 20 ? 19 1 
1 A DT 12 1_555 B DA 4  1_555 -0.073 0.003  -0.025 -8.947 -8.152  -2.801 12 A_DT12:DA19_B A 12 ? B 19 ? 20 1 
1 A DC 13 1_555 B DG 3  1_555 0.346  -0.088 0.214  -4.939 -7.036  -1.132 13 A_DC13:DG18_B A 13 ? B 18 ? 19 1 
1 A DA 14 1_555 B DT 2  1_555 0.229  0.015  -0.006 2.830  -12.621 -4.190 14 A_DA14:DT17_B A 14 ? B 17 ? 20 1 
1 A DG 15 1_555 B DC 1  1_555 -0.232 -0.050 0.442  12.580 0.404   -1.923 15 A_DG15:DC16_B A 15 ? B 16 ? 19 1 
# 
loop_
_ndb_struct_na_base_pair_step.model_number 
_ndb_struct_na_base_pair_step.i_label_asym_id_1 
_ndb_struct_na_base_pair_step.i_label_comp_id_1 
_ndb_struct_na_base_pair_step.i_label_seq_id_1 
_ndb_struct_na_base_pair_step.i_symmetry_1 
_ndb_struct_na_base_pair_step.j_label_asym_id_1 
_ndb_struct_na_base_pair_step.j_label_comp_id_1 
_ndb_struct_na_base_pair_step.j_label_seq_id_1 
_ndb_struct_na_base_pair_step.j_symmetry_1 
_ndb_struct_na_base_pair_step.i_label_asym_id_2 
_ndb_struct_na_base_pair_step.i_label_comp_id_2 
_ndb_struct_na_base_pair_step.i_label_seq_id_2 
_ndb_struct_na_base_pair_step.i_symmetry_2 
_ndb_struct_na_base_pair_step.j_label_asym_id_2 
_ndb_struct_na_base_pair_step.j_label_comp_id_2 
_ndb_struct_na_base_pair_step.j_label_seq_id_2 
_ndb_struct_na_base_pair_step.j_symmetry_2 
_ndb_struct_na_base_pair_step.shift 
_ndb_struct_na_base_pair_step.slide 
_ndb_struct_na_base_pair_step.rise 
_ndb_struct_na_base_pair_step.tilt 
_ndb_struct_na_base_pair_step.roll 
_ndb_struct_na_base_pair_step.twist 
_ndb_struct_na_base_pair_step.x_displacement 
_ndb_struct_na_base_pair_step.y_displacement 
_ndb_struct_na_base_pair_step.helical_rise 
_ndb_struct_na_base_pair_step.inclination 
_ndb_struct_na_base_pair_step.tip 
_ndb_struct_na_base_pair_step.helical_twist 
_ndb_struct_na_base_pair_step.step_number 
_ndb_struct_na_base_pair_step.step_name 
_ndb_struct_na_base_pair_step.i_auth_asym_id_1 
_ndb_struct_na_base_pair_step.i_auth_seq_id_1 
_ndb_struct_na_base_pair_step.i_PDB_ins_code_1 
_ndb_struct_na_base_pair_step.j_auth_asym_id_1 
_ndb_struct_na_base_pair_step.j_auth_seq_id_1 
_ndb_struct_na_base_pair_step.j_PDB_ins_code_1 
_ndb_struct_na_base_pair_step.i_auth_asym_id_2 
_ndb_struct_na_base_pair_step.i_auth_seq_id_2 
_ndb_struct_na_base_pair_step.i_PDB_ins_code_2 
_ndb_struct_na_base_pair_step.j_auth_asym_id_2 
_ndb_struct_na_base_pair_step.j_auth_seq_id_2 
_ndb_struct_na_base_pair_step.j_PDB_ins_code_2 
1 A DT 1  1_555 B DA 15 1_555 A DA 2  1_555 B DT 14 1_555 -0.183 -1.122 3.070 0.505  14.361 28.135 -4.369 0.419  2.244 27.396  
-0.964 31.526 1  AA_DT1DA2:DT29DA30_BB   A 1  ? B 30 ? A 2  ? B 29 ? 
1 A DA 2  1_555 B DT 14 1_555 A DG 3  1_555 B DC 13 1_555 -0.024 -0.751 3.215 -3.258 6.752  31.126 -2.535 -0.521 2.978 12.359  
5.963  31.995 2  AA_DA2DG3:DC28DT29_BB   A 2  ? B 29 ? A 3  ? B 28 ? 
1 A DG 3  1_555 B DC 13 1_555 A DA 4  1_555 B DT 12 1_555 0.689  -0.956 3.648 3.439  10.821 36.653 -2.930 -0.581 3.294 16.721  
-5.313 38.314 3  AA_DG3DA4:DT27DC28_BB   A 3  ? B 28 ? A 4  ? B 27 ? 
1 A DA 4  1_555 B DT 12 1_555 A DA 5  1_555 B DT 11 1_555 -1.131 -0.071 3.122 -3.689 3.207  39.299 -0.469 1.251  3.196 4.746   
5.459  39.590 4  AA_DA4DA5:DT26DT27_BB   A 4  ? B 27 ? A 5  ? B 26 ? 
1 A DA 5  1_555 B DT 11 1_555 A DT 6  1_555 B DA 10 1_555 -0.222 -0.938 3.347 0.482  0.272  28.276 -1.985 0.568  3.334 0.557   
-0.986 28.281 5  AA_DA5DT6:DA25DT26_BB   A 5  ? B 26 ? A 6  ? B 25 ? 
1 A DT 6  1_555 B DA 10 1_555 A DG 7  1_555 B DC 9  1_555 0.371  0.252  3.062 -1.554 3.762  42.089 -0.011 -0.664 3.057 5.223   
2.157  42.276 6  AA_DT6DG7:DC24DA25_BB   A 6  ? B 25 ? A 7  ? B 24 ? 
1 A DG 7  1_555 B DC 9  1_555 A DT 8  1_555 B DA 8  1_555 -0.061 -0.814 3.493 2.044  8.793  31.002 -3.082 0.487  3.140 16.029  
-3.726 32.259 7  AA_DG7DT8:DA23DC24_BB   A 7  ? B 24 ? A 8  ? B 23 ? 
1 A DT 8  1_555 B DA 8  1_555 A DA 9  1_555 B DT 7  1_555 0.116  -1.014 3.052 -0.348 6.724  32.637 -2.781 -0.254 2.792 11.809  
0.611  33.306 8  AA_DT8DA9:DT22DA23_BB   A 8  ? B 23 ? A 9  ? B 22 ? 
1 A DA 9  1_555 B DT 7  1_555 A DG 10 1_555 B DC 6  1_555 1.124  -1.021 3.166 -1.767 -9.159 31.262 -0.219 -2.312 3.260 -16.540 
3.191  32.590 9  AA_DA9DG10:DC21DT22_BB  A 9  ? B 22 ? A 10 ? B 21 ? 
1 A DG 10 1_555 B DC 6  1_555 A DG 11 1_555 B DC 5  1_555 0.199  -1.443 3.929 3.551  -2.974 36.586 -1.790 0.273  4.031 -4.714  
-5.629 36.868 10 AA_DG10DG11:DC20DC21_BB A 10 ? B 21 ? A 11 ? B 20 ? 
1 A DG 11 1_555 B DC 5  1_555 A DT 12 1_555 B DA 4  1_555 -0.658 -1.114 3.543 1.177  -1.708 37.407 -1.491 1.192  3.567 -2.661  
-1.834 37.463 11 AA_DG11DT12:DA19DC20_BB A 11 ? B 20 ? A 12 ? B 19 ? 
1 A DT 12 1_555 B DA 4  1_555 A DC 13 1_555 B DG 3  1_555 0.459  -0.631 3.174 0.014  8.849  31.627 -2.555 -0.811 2.897 15.851  
-0.025 32.811 12 AA_DT12DC13:DG18DA19_BB A 12 ? B 19 ? A 13 ? B 18 ? 
1 A DC 13 1_555 B DG 3  1_555 A DA 14 1_555 B DT 2  1_555 -1.171 0.175  3.059 -0.549 6.556  37.163 -0.529 1.745  3.061 10.189  
0.854  37.720 13 AA_DC13DA14:DT17DG18_BB A 13 ? B 18 ? A 14 ? B 17 ? 
1 A DA 14 1_555 B DT 2  1_555 A DG 15 1_555 B DC 1  1_555 1.288  -0.680 3.116 -2.606 -9.095 30.861 0.341  -2.767 3.071 -16.609 
4.758  32.245 14 AA_DA14DG15:DC16DT17_BB A 14 ? B 17 ? A 15 ? B 16 ? 
# 
_pdbx_nmr_spectrometer.spectrometer_id   1 
_pdbx_nmr_spectrometer.model             UNITY 
_pdbx_nmr_spectrometer.manufacturer      Varian 
_pdbx_nmr_spectrometer.field_strength    500 
_pdbx_nmr_spectrometer.type              ? 
# 
_atom_sites.entry_id                    1BN9 
_atom_sites.fract_transf_matrix[1][1]   1.000000 
_atom_sites.fract_transf_matrix[1][2]   0.000000 
_atom_sites.fract_transf_matrix[1][3]   0.000000 
_atom_sites.fract_transf_matrix[2][1]   0.000000 
_atom_sites.fract_transf_matrix[2][2]   1.000000 
_atom_sites.fract_transf_matrix[2][3]   0.000000 
_atom_sites.fract_transf_matrix[3][1]   0.000000 
_atom_sites.fract_transf_matrix[3][2]   0.000000 
_atom_sites.fract_transf_matrix[3][3]   1.000000 
_atom_sites.fract_transf_vector[1]      0.00000 
_atom_sites.fract_transf_vector[2]      0.00000 
_atom_sites.fract_transf_vector[3]      0.00000 
# 
loop_
_atom_type.symbol 
C 
H 
N 
O 
P 
# 
loop_
_atom_site.group_PDB 
_atom_site.id 
_atom_site.type_symbol 
_atom_site.label_atom_id 
_atom_site.label_alt_id 
_atom_site.label_comp_id 
_atom_site.label_asym_id 
_atom_site.label_entity_id 
_atom_site.label_seq_id 
_atom_site.pdbx_PDB_ins_code 
_atom_site.Cartn_x 
_atom_site.Cartn_y 
_atom_site.Cartn_z 
_atom_site.occupancy 
_atom_site.B_iso_or_equiv 
_atom_site.pdbx_formal_charge 
_atom_site.auth_seq_id 
_atom_site.auth_comp_id 
_atom_site.auth_asym_id 
_atom_site.auth_atom_id 
_atom_site.pdbx_PDB_model_num 
ATOM 1   C "C5'"  . DT A 1 1  ? -15.343 -15.808 7.601   1.00 0.00 ? 1  DT A "C5'"  1 
ATOM 2   C "C4'"  . DT A 1 1  ? -14.973 -15.657 9.063   1.60 0.11 ? 1  DT A "C4'"  1 
ATOM 3   O "O4'"  . DT A 1 1  ? -13.929 -16.615 9.422   1.00 0.00 ? 1  DT A "O4'"  1 
ATOM 4   C "C3'"  . DT A 1 1  ? -14.474 -14.270 9.472   1.60 0.04 ? 1  DT A "C3'"  1 
ATOM 5   O "O3'"  . DT A 1 1  ? -14.946 -13.941 10.774  1.00 0.00 ? 1  DT A "O3'"  1 
ATOM 6   C "C2'"  . DT A 1 1  ? -12.957 -14.451 9.457   1.00 0.00 ? 1  DT A "C2'"  1 
ATOM 7   C "C1'"  . DT A 1 1  ? -12.766 -15.916 9.837   1.60 0.29 ? 1  DT A "C1'"  1 
ATOM 8   N N1     . DT A 1 1  ? -11.542 -16.528 9.247   1.00 0.00 ? 1  DT A N1     1 
ATOM 9   C C2     . DT A 1 1  ? -10.504 -16.801 10.104  1.60 0.52 ? 1  DT A C2     1 
ATOM 10  O O2     . DT A 1 1  ? -10.551 -16.565 11.299  1.00 0.00 ? 1  DT A O2     1 
ATOM 11  N N3     . DT A 1 1  ? -9.387  -17.368 9.522   1.00 0.00 ? 1  DT A N3     1 
ATOM 12  C C4     . DT A 1 1  ? -9.227  -17.677 8.186   1.60 0.43 ? 1  DT A C4     1 
ATOM 13  O O4     . DT A 1 1  ? -8.179  -18.183 7.781   1.00 0.00 ? 1  DT A O4     1 
ATOM 14  C C5     . DT A 1 1  ? -10.372 -17.353 7.365   1.00 0.00 ? 1  DT A C5     1 
ATOM 15  C C7     . DT A 1 1  ? -10.281 -17.656 5.899   1.00 0.00 ? 1  DT A C7     1 
ATOM 16  C C6     . DT A 1 1  ? -11.470 -16.801 7.906   1.60 0.08 ? 1  DT A C6     1 
ATOM 17  H "H5'"  . DT A 1 1  ? -16.345 -15.415 7.433   1.20 0.05 ? 1  DT A "H5'"  1 
ATOM 18  H "H5''" . DT A 1 1  ? -15.311 -16.862 7.327   1.20 0.05 ? 1  DT A "H5''" 1 
ATOM 19  H "H4'"  . DT A 1 1  ? -15.828 -15.926 9.684   1.20 0.06 ? 1  DT A "H4'"  1 
ATOM 20  H "H3'"  . DT A 1 1  ? -14.801 -13.537 8.735   1.20 0.06 ? 1  DT A "H3'"  1 
ATOM 21  H "H2'"  . DT A 1 1  ? -12.583 -14.226 8.458   1.20 0.05 ? 1  DT A "H2'"  1 
ATOM 22  H "H2''" . DT A 1 1  ? -12.520 -13.864 10.265  1.20 0.05 ? 1  DT A "H2''" 1 
ATOM 23  H "H1'"  . DT A 1 1  ? -12.730 -16.006 10.922  1.20 0.06 ? 1  DT A "H1'"  1 
ATOM 24  H H3     . DT A 1 1  ? -8.604  -17.580 10.139  1.20 0.29 ? 1  DT A H3     1 
ATOM 25  H H71    . DT A 1 1  ? -11.214 -17.373 5.412   1.20 0.05 ? 1  DT A H71    1 
ATOM 26  H H72    . DT A 1 1  ? -9.458  -17.092 5.462   1.20 0.05 ? 1  DT A H72    1 
ATOM 27  H H73    . DT A 1 1  ? -10.106 -18.723 5.759   1.20 0.05 ? 1  DT A H73    1 
ATOM 28  H H6     . DT A 1 1  ? -12.320 -16.567 7.265   1.20 0.06 ? 1  DT A H6     1 
ATOM 29  P P      . DA A 1 2  ? -15.037 -12.402 11.203  1.90 0.46 ? 2  DA A P      1 
ATOM 30  O OP1    . DA A 1 2  ? -15.833 -12.278 12.443  1.00 0.00 ? 2  DA A OP1    1 
ATOM 31  O OP2    . DA A 1 2  ? -15.496 -11.593 10.051  1.00 0.00 ? 2  DA A OP2    1 
ATOM 32  O "O5'"  . DA A 1 2  ? -13.503 -12.069 11.513  1.00 0.00 ? 2  DA A "O5'"  1 
ATOM 33  C "C5'"  . DA A 1 2  ? -12.989 -12.261 12.864  1.00 0.00 ? 2  DA A "C5'"  1 
ATOM 34  C "C4'"  . DA A 1 2  ? -11.512 -11.926 12.924  1.60 0.13 ? 2  DA A "C4'"  1 
ATOM 35  O "O4'"  . DA A 1 2  ? -10.732 -12.965 12.271  1.00 0.00 ? 2  DA A "O4'"  1 
ATOM 36  C "C3'"  . DA A 1 2  ? -11.111 -10.600 12.277  1.60 0.05 ? 2  DA A "C3'"  1 
ATOM 37  O "O3'"  . DA A 1 2  ? -10.670 -9.690  13.279  1.00 0.00 ? 2  DA A "O3'"  1 
ATOM 38  C "C2'"  . DA A 1 2  ? -9.969  -10.967 11.331  1.00 0.00 ? 2  DA A "C2'"  1 
ATOM 39  C "C1'"  . DA A 1 2  ? -9.546  -12.363 11.775  1.60 0.29 ? 2  DA A "C1'"  1 
ATOM 40  N N9     . DA A 1 2  ? -8.928  -13.184 10.696  1.00 0.00 ? 2  DA A N9     1 
ATOM 41  C C8     . DA A 1 2  ? -9.392  -13.440 9.426   1.60 0.26 ? 2  DA A C8     1 
ATOM 42  N N7     . DA A 1 2  ? -8.612  -14.200 8.722   1.00 0.00 ? 2  DA A N7     1 
ATOM 43  C C5     . DA A 1 2  ? -7.553  -14.473 9.575   1.60 0.03 ? 2  DA A C5     1 
ATOM 44  C C6     . DA A 1 2  ? -6.384  -15.236 9.419   1.60 0.36 ? 2  DA A C6     1 
ATOM 45  N N6     . DA A 1 2  ? -6.074  -15.894 8.292   1.00 0.00 ? 2  DA A N6     1 
ATOM 46  N N1     . DA A 1 2  ? -5.541  -15.298 10.467  1.00 0.00 ? 2  DA A N1     1 
ATOM 47  C C2     . DA A 1 2  ? -5.855  -14.644 11.583  1.60 0.25 ? 2  DA A C2     1 
ATOM 48  N N3     . DA A 1 2  ? -6.910  -13.905 11.844  1.00 0.00 ? 2  DA A N3     1 
ATOM 49  C C4     . DA A 1 2  ? -7.738  -13.858 10.780  1.60 0.23 ? 2  DA A C4     1 
ATOM 50  H "H5'"  . DA A 1 2  ? -13.137 -13.303 13.148  1.20 0.07 ? 2  DA A "H5'"  1 
ATOM 51  H "H5''" . DA A 1 2  ? -13.540 -11.614 13.547  1.20 0.07 ? 2  DA A "H5''" 1 
ATOM 52  H "H4'"  . DA A 1 2  ? -11.179 -11.933 13.962  1.20 0.06 ? 2  DA A "H4'"  1 
ATOM 53  H "H3'"  . DA A 1 2  ? -11.967 -10.202 11.732  1.20 0.06 ? 2  DA A "H3'"  1 
ATOM 54  H "H2'"  . DA A 1 2  ? -10.344 -10.952 10.307  1.20 0.05 ? 2  DA A "H2'"  1 
ATOM 55  H "H2''" . DA A 1 2  ? -9.120  -10.312 11.529  1.20 0.05 ? 2  DA A "H2''" 1 
ATOM 56  H "H1'"  . DA A 1 2  ? -8.857  -12.290 12.616  1.20 0.06 ? 2  DA A "H1'"  1 
ATOM 57  H H8     . DA A 1 2  ? -10.333 -13.038 9.048   1.20 0.07 ? 2  DA A H8     1 
ATOM 58  H H61    . DA A 1 2  ? -5.209  -16.432 8.237   1.20 0.29 ? 2  DA A H61    1 
ATOM 59  H H62    . DA A 1 2  ? -6.702  -15.855 7.490   1.20 0.29 ? 2  DA A H62    1 
ATOM 60  H H2     . DA A 1 2  ? -5.134  -14.733 12.396  1.20 0.07 ? 2  DA A H2     1 
ATOM 61  P P      . DG A 1 3  ? -10.257 -8.204  12.854  1.90 0.46 ? 3  DG A P      1 
ATOM 62  O OP1    . DG A 1 3  ? -10.719 -7.246  13.883  1.00 0.00 ? 3  DG A OP1    1 
ATOM 63  O OP2    . DG A 1 3  ? -10.712 -7.940  11.470  1.00 0.00 ? 3  DG A OP2    1 
ATOM 64  O "O5'"  . DG A 1 3  ? -8.661  -8.298  12.884  1.00 0.00 ? 3  DG A "O5'"  1 
ATOM 65  C "C5'"  . DG A 1 3  ? -7.990  -8.675  14.126  1.00 0.00 ? 3  DG A "C5'"  1 
ATOM 66  C "C4'"  . DG A 1 3  ? -6.489  -8.702  13.924  1.60 0.13 ? 3  DG A "C4'"  1 
ATOM 67  O "O4'"  . DG A 1 3  ? -6.104  -9.860  13.092  1.00 0.00 ? 3  DG A "O4'"  1 
ATOM 68  C "C3'"  . DG A 1 3  ? -5.893  -7.461  13.260  1.60 0.05 ? 3  DG A "C3'"  1 
ATOM 69  O "O3'"  . DG A 1 3  ? -4.620  -7.154  13.820  1.00 0.00 ? 3  DG A "O3'"  1 
ATOM 70  C "C2'"  . DG A 1 3  ? -5.775  -7.938  11.813  1.00 0.00 ? 3  DG A "C2'"  1 
ATOM 71  C "C1'"  . DG A 1 3  ? -5.341  -9.388  11.992  1.60 0.29 ? 3  DG A "C1'"  1 
ATOM 72  N N9     . DG A 1 3  ? -5.539  -10.238 10.785  1.00 0.00 ? 3  DG A N9     1 
ATOM 73  C C8     . DG A 1 3  ? -6.635  -10.332 9.956   1.60 0.23 ? 3  DG A C8     1 
ATOM 74  N N7     . DG A 1 3  ? -6.488  -11.184 8.971   1.00 0.00 ? 3  DG A N7     1 
ATOM 75  C C5     . DG A 1 3  ? -5.203  -11.691 9.161   1.00 0.00 ? 3  DG A C5     1 
ATOM 76  C C6     . DG A 1 3  ? -4.481  -12.653 8.409   1.60 0.43 ? 3  DG A C6     1 
ATOM 77  O O6     . DG A 1 3  ? -4.831  -13.267 7.403   1.00 0.00 ? 3  DG A O6     1 
ATOM 78  N N1     . DG A 1 3  ? -3.207  -12.875 8.952   1.00 0.00 ? 3  DG A N1     1 
ATOM 79  C C2     . DG A 1 3  ? -2.699  -12.250 10.074  1.60 0.50 ? 3  DG A C2     1 
ATOM 80  N N2     . DG A 1 3  ? -1.462  -12.601 10.431  1.00 0.00 ? 3  DG A N2     1 
ATOM 81  N N3     . DG A 1 3  ? -3.379  -11.347 10.779  1.00 0.00 ? 3  DG A N3     1 
ATOM 82  C C4     . DG A 1 3  ? -4.616  -11.121 10.265  1.60 0.23 ? 3  DG A C4     1 
ATOM 83  H "H5'"  . DG A 1 3  ? -8.335  -9.665  14.423  1.20 0.07 ? 3  DG A "H5'"  1 
ATOM 84  H "H5''" . DG A 1 3  ? -8.244  -7.951  14.901  1.20 0.07 ? 3  DG A "H5''" 1 
ATOM 85  H "H4'"  . DG A 1 3  ? -5.996  -8.866  14.883  1.20 0.06 ? 3  DG A "H4'"  1 
ATOM 86  H "H3'"  . DG A 1 3  ? -6.582  -6.622  13.362  1.20 0.06 ? 3  DG A "H3'"  1 
ATOM 87  H "H2'"  . DG A 1 3  ? -6.744  -7.842  11.322  1.20 0.05 ? 3  DG A "H2'"  1 
ATOM 88  H "H2''" . DG A 1 3  ? -4.950  -7.418  11.326  1.20 0.05 ? 3  DG A "H2''" 1 
ATOM 89  H "H1'"  . DG A 1 3  ? -4.295  -9.427  12.296  1.20 0.06 ? 3  DG A "H1'"  1 
ATOM 90  H H8     . DG A 1 3  ? -7.544  -9.750  10.106  1.20 0.07 ? 3  DG A H8     1 
ATOM 91  H H1     . DG A 1 3  ? -2.608  -13.553 8.482   1.20 0.29 ? 3  DG A H1     1 
ATOM 92  H H21    . DG A 1 3  ? -0.950  -13.293 9.884   1.20 0.30 ? 3  DG A H21    1 
ATOM 93  H H22    . DG A 1 3  ? -1.028  -12.177 11.251  1.20 0.30 ? 3  DG A H22    1 
ATOM 94  P P      . DA A 1 4  ? -3.869  -5.817  13.363  1.90 0.46 ? 4  DA A P      1 
ATOM 95  O OP1    . DA A 1 4  ? -3.249  -5.170  14.538  1.00 0.00 ? 4  DA A OP1    1 
ATOM 96  O OP2    . DA A 1 4  ? -4.795  -4.977  12.569  1.00 0.00 ? 4  DA A OP2    1 
ATOM 97  O "O5'"  . DA A 1 4  ? -2.729  -6.406  12.409  1.00 0.00 ? 4  DA A "O5'"  1 
ATOM 98  C "C5'"  . DA A 1 4  ? -1.687  -7.249  12.982  1.00 0.00 ? 4  DA A "C5'"  1 
ATOM 99  C "C4'"  . DA A 1 4  ? -0.724  -7.697  11.901  1.60 0.13 ? 4  DA A "C4'"  1 
ATOM 100 O "O4'"  . DA A 1 4  ? -1.382  -8.654  10.996  1.00 0.00 ? 4  DA A "O4'"  1 
ATOM 101 C "C3'"  . DA A 1 4  ? -0.151  -6.582  11.028  1.60 0.05 ? 4  DA A "C3'"  1 
ATOM 102 O "O3'"  . DA A 1 4  ? 1.234   -6.804  10.782  1.00 0.00 ? 4  DA A "O3'"  1 
ATOM 103 C "C2'"  . DA A 1 4  ? -0.980  -6.732  9.752   1.00 0.00 ? 4  DA A "C2'"  1 
ATOM 104 C "C1'"  . DA A 1 4  ? -1.102  -8.249  9.664   1.60 0.29 ? 4  DA A "C1'"  1 
ATOM 105 N N9     . DA A 1 4  ? -2.145  -8.727  8.714   1.00 0.00 ? 4  DA A N9     1 
ATOM 106 C C8     . DA A 1 4  ? -3.480  -8.392  8.650   1.60 0.26 ? 4  DA A C8     1 
ATOM 107 N N7     . DA A 1 4  ? -4.127  -8.986  7.697   1.00 0.00 ? 4  DA A N7     1 
ATOM 108 C C5     . DA A 1 4  ? -3.165  -9.772  7.078   1.60 0.03 ? 4  DA A C5     1 
ATOM 109 C C6     . DA A 1 4  ? -3.221  -10.652 5.986   1.60 0.36 ? 4  DA A C6     1 
ATOM 110 N N6     . DA A 1 4  ? -4.341  -10.898 5.290   1.00 0.00 ? 4  DA A N6     1 
ATOM 111 N N1     . DA A 1 4  ? -2.080  -11.273 5.630   1.00 0.00 ? 4  DA A N1     1 
ATOM 112 C C2     . DA A 1 4  ? -0.971  -11.024 6.325   1.60 0.25 ? 4  DA A C2     1 
ATOM 113 N N3     . DA A 1 4  ? -0.799  -10.228 7.357   1.00 0.00 ? 4  DA A N3     1 
ATOM 114 C C4     . DA A 1 4  ? -1.956  -9.619  7.692   1.60 0.23 ? 4  DA A C4     1 
ATOM 115 H "H5'"  . DA A 1 4  ? -2.154  -8.123  13.437  1.20 0.07 ? 4  DA A "H5'"  1 
ATOM 116 H "H5''" . DA A 1 4  ? -1.149  -6.683  13.742  1.20 0.07 ? 4  DA A "H5''" 1 
ATOM 117 H "H4'"  . DA A 1 4  ? 0.096   -8.255  12.354  1.20 0.06 ? 4  DA A "H4'"  1 
ATOM 118 H "H3'"  . DA A 1 4  ? -0.317  -5.619  11.511  1.20 0.06 ? 4  DA A "H3'"  1 
ATOM 119 H "H2'"  . DA A 1 4  ? -1.939  -6.230  9.878   1.20 0.05 ? 4  DA A "H2'"  1 
ATOM 120 H "H2''" . DA A 1 4  ? -0.392  -6.409  8.893   1.20 0.05 ? 4  DA A "H2''" 1 
ATOM 121 H "H1'"  . DA A 1 4  ? -0.140  -8.686  9.397   1.20 0.06 ? 4  DA A "H1'"  1 
ATOM 122 H H8     . DA A 1 4  ? -3.947  -7.690  9.341   1.20 0.07 ? 4  DA A H8     1 
ATOM 123 H H61    . DA A 1 4  ? -4.321  -11.548 4.504   1.20 0.29 ? 4  DA A H61    1 
ATOM 124 H H62    . DA A 1 4  ? -5.212  -10.436 5.546   1.20 0.29 ? 4  DA A H62    1 
ATOM 125 H H2     . DA A 1 4  ? -0.080  -11.556 5.991   1.20 0.07 ? 4  DA A H2     1 
ATOM 126 P P      . DA A 1 5  ? 2.136   -5.591  10.259  1.90 0.46 ? 5  DA A P      1 
ATOM 127 O OP1    . DA A 1 5  ? 3.007   -5.111  11.354  1.00 0.00 ? 5  DA A OP1    1 
ATOM 128 O OP2    . DA A 1 5  ? 1.275   -4.572  9.618   1.00 0.00 ? 5  DA A OP2    1 
ATOM 129 O "O5'"  . DA A 1 5  ? 3.026   -6.316  9.145   1.00 0.00 ? 5  DA A "O5'"  1 
ATOM 130 C "C5'"  . DA A 1 5  ? 3.966   -7.356  9.541   1.00 0.00 ? 5  DA A "C5'"  1 
ATOM 131 C "C4'"  . DA A 1 5  ? 4.643   -7.941  8.318   1.60 0.13 ? 5  DA A "C4'"  1 
ATOM 132 O "O4'"  . DA A 1 5  ? 3.669   -8.656  7.487   1.00 0.00 ? 5  DA A "O4'"  1 
ATOM 133 C "C3'"  . DA A 1 5  ? 5.336   -6.933  7.402   1.60 0.05 ? 5  DA A "C3'"  1 
ATOM 134 O "O3'"  . DA A 1 5  ? 6.486   -7.518  6.799   1.00 0.00 ? 5  DA A "O3'"  1 
ATOM 135 C "C2'"  . DA A 1 5  ? 4.246   -6.643  6.371   1.00 0.00 ? 5  DA A "C2'"  1 
ATOM 136 C "C1'"  . DA A 1 5  ? 3.508   -7.973  6.254   1.60 0.29 ? 5  DA A "C1'"  1 
ATOM 137 N N9     . DA A 1 5  ? 2.066   -7.822  5.917   1.00 0.00 ? 5  DA A N9     1 
ATOM 138 C C8     . DA A 1 5  ? 1.116   -7.016  6.504   1.60 0.26 ? 5  DA A C8     1 
ATOM 139 N N7     . DA A 1 5  ? -0.063  -7.118  5.973   1.00 0.00 ? 5  DA A N7     1 
ATOM 140 C C5     . DA A 1 5  ? 0.104   -8.052  4.962   1.60 0.03 ? 5  DA A C5     1 
ATOM 141 C C6     . DA A 1 5  ? -0.783  -8.600  4.022   1.60 0.36 ? 5  DA A C6     1 
ATOM 142 N N6     . DA A 1 5  ? -2.080  -8.267  3.947   1.00 0.00 ? 5  DA A N6     1 
ATOM 143 N N1     . DA A 1 5  ? -0.289  -9.507  3.158   1.00 0.00 ? 5  DA A N1     1 
ATOM 144 C C2     . DA A 1 5  ? 0.999   -9.835  3.239   1.60 0.25 ? 5  DA A C2     1 
ATOM 145 N N3     . DA A 1 5  ? 1.918   -9.393  4.068   1.00 0.00 ? 5  DA A N3     1 
ATOM 146 C C4     . DA A 1 5  ? 1.399   -8.486  4.922   1.60 0.23 ? 5  DA A C4     1 
ATOM 147 H "H5'"  . DA A 1 5  ? 3.419   -8.141  10.064  1.20 0.07 ? 5  DA A "H5'"  1 
ATOM 148 H "H5''" . DA A 1 5  ? 4.716   -6.927  10.206  1.20 0.07 ? 5  DA A "H5''" 1 
ATOM 149 H "H4'"  . DA A 1 5  ? 5.362   -8.699  8.628   1.20 0.06 ? 5  DA A "H4'"  1 
ATOM 150 H "H3'"  . DA A 1 5  ? 5.601   -6.044  7.976   1.20 0.06 ? 5  DA A "H3'"  1 
ATOM 151 H "H2'"  . DA A 1 5  ? 3.609   -5.842  6.743   1.20 0.05 ? 5  DA A "H2'"  1 
ATOM 152 H "H2''" . DA A 1 5  ? 4.711   -6.461  5.402   1.20 0.05 ? 5  DA A "H2''" 1 
ATOM 153 H "H1'"  . DA A 1 5  ? 3.996   -8.591  5.500   1.20 0.06 ? 5  DA A "H1'"  1 
ATOM 154 H H8     . DA A 1 5  ? 1.338   -6.354  7.341   1.20 0.07 ? 5  DA A H8     1 
ATOM 155 H H61    . DA A 1 5  ? -2.679  -8.698  3.241   1.20 0.29 ? 5  DA A H61    1 
ATOM 156 H H62    . DA A 1 5  ? -2.469  -7.581  4.594   1.20 0.29 ? 5  DA A H62    1 
ATOM 157 H H2     . DA A 1 5  ? 1.339   -10.574 2.513   1.20 0.07 ? 5  DA A H2     1 
ATOM 158 P P      . DT A 1 6  ? 7.436   -6.609  5.889   1.90 0.46 ? 6  DT A P      1 
ATOM 159 O OP1    . DT A 1 6  ? 8.841   -7.043  6.049   1.00 0.00 ? 6  DT A OP1    1 
ATOM 160 O OP2    . DT A 1 6  ? 7.161   -5.180  6.158   1.00 0.00 ? 6  DT A OP2    1 
ATOM 161 O "O5'"  . DT A 1 6  ? 6.922   -6.986  4.421   1.00 0.00 ? 6  DT A "O5'"  1 
ATOM 162 C "C5'"  . DT A 1 6  ? 7.119   -8.343  3.924   1.00 0.00 ? 6  DT A "C5'"  1 
ATOM 163 C "C4'"  . DT A 1 6  ? 6.510   -8.492  2.544   1.60 0.13 ? 6  DT A "C4'"  1 
ATOM 164 O "O4'"  . DT A 1 6  ? 5.046   -8.387  2.616   1.00 0.00 ? 6  DT A "O4'"  1 
ATOM 165 C "C3'"  . DT A 1 6  ? 6.972   -7.471  1.506   1.60 0.05 ? 6  DT A "C3'"  1 
ATOM 166 O "O3'"  . DT A 1 6  ? 7.330   -8.127  0.294   1.00 0.00 ? 6  DT A "O3'"  1 
ATOM 167 C "C2'"  . DT A 1 6  ? 5.731   -6.598  1.321   1.00 0.00 ? 6  DT A "C2'"  1 
ATOM 168 C "C1'"  . DT A 1 6  ? 4.618   -7.624  1.500   1.60 0.29 ? 6  DT A "C1'"  1 
ATOM 169 N N1     . DT A 1 6  ? 3.265   -7.038  1.713   1.00 0.00 ? 6  DT A N1     1 
ATOM 170 C C2     . DT A 1 6  ? 2.246   -7.513  0.924   1.60 0.52 ? 6  DT A C2     1 
ATOM 171 O O2     . DT A 1 6  ? 2.410   -8.376  0.078   1.00 0.00 ? 6  DT A O2     1 
ATOM 172 N N3     . DT A 1 6  ? 1.006   -6.948  1.150   1.00 0.00 ? 6  DT A N3     1 
ATOM 173 C C4     . DT A 1 6  ? 0.711   -5.970  2.078   1.60 0.43 ? 6  DT A C4     1 
ATOM 174 O O4     . DT A 1 6  ? -0.439  -5.540  2.189   1.00 0.00 ? 6  DT A O4     1 
ATOM 175 C C5     . DT A 1 6  ? 1.844   -5.535  2.859   1.00 0.00 ? 6  DT A C5     1 
ATOM 176 C C7     . DT A 1 6  ? 1.610   -4.473  3.892   1.00 0.00 ? 6  DT A C7     1 
ATOM 177 C C6     . DT A 1 6  ? 3.061   -6.069  2.659   1.60 0.08 ? 6  DT A C6     1 
ATOM 178 H "H5'"  . DT A 1 6  ? 6.636   -9.038  4.611   1.20 0.07 ? 6  DT A "H5'"  1 
ATOM 179 H "H5''" . DT A 1 6  ? 8.187   -8.553  3.879   1.20 0.07 ? 6  DT A "H5''" 1 
ATOM 180 H "H4'"  . DT A 1 6  ? 6.704   -9.498  2.169   1.20 0.06 ? 6  DT A "H4'"  1 
ATOM 181 H "H3'"  . DT A 1 6  ? 7.810   -6.902  1.909   1.20 0.06 ? 6  DT A "H3'"  1 
ATOM 182 H "H2'"  . DT A 1 6  ? 5.719   -5.818  2.082   1.20 0.05 ? 6  DT A "H2'"  1 
ATOM 183 H "H2''" . DT A 1 6  ? 5.681   -6.248  0.291   1.20 0.05 ? 6  DT A "H2''" 1 
ATOM 184 H "H1'"  . DT A 1 6  ? 4.590   -8.300  0.643   1.20 0.06 ? 6  DT A "H1'"  1 
ATOM 185 H H3     . DT A 1 6  ? 0.235   -7.286  0.575   1.20 0.29 ? 6  DT A H3     1 
ATOM 186 H H71    . DT A 1 6  ? 2.517   -4.332  4.480   1.20 0.05 ? 6  DT A H71    1 
ATOM 187 H H72    . DT A 1 6  ? 1.348   -3.538  3.397   1.20 0.05 ? 6  DT A H72    1 
ATOM 188 H H73    . DT A 1 6  ? 0.795   -4.778  4.548   1.20 0.05 ? 6  DT A H73    1 
ATOM 189 H H6     . DT A 1 6  ? 3.902   -5.724  3.262   1.20 0.06 ? 6  DT A H6     1 
ATOM 190 P P      . DG A 1 7  ? 8.084   -7.299  -0.847  1.90 0.46 ? 7  DG A P      1 
ATOM 191 O OP1    . DG A 1 7  ? 9.384   -7.936  -1.147  1.00 0.00 ? 7  DG A OP1    1 
ATOM 192 O OP2    . DG A 1 7  ? 8.131   -5.868  -0.472  1.00 0.00 ? 7  DG A OP2    1 
ATOM 193 O "O5'"  . DG A 1 7  ? 7.092   -7.494  -2.087  1.00 0.00 ? 7  DG A "O5'"  1 
ATOM 194 C "C5'"  . DG A 1 7  ? 6.921   -8.823  -2.667  1.00 0.00 ? 7  DG A "C5'"  1 
ATOM 195 C "C4'"  . DG A 1 7  ? 5.981   -8.764  -3.854  1.60 0.13 ? 7  DG A "C4'"  1 
ATOM 196 O "O4'"  . DG A 1 7  ? 4.629   -8.387  -3.420  1.00 0.00 ? 7  DG A "O4'"  1 
ATOM 197 C "C3'"  . DG A 1 7  ? 6.366   -7.775  -4.955  1.60 0.05 ? 7  DG A "C3'"  1 
ATOM 198 O "O3'"  . DG A 1 7  ? 5.933   -8.250  -6.225  1.00 0.00 ? 7  DG A "O3'"  1 
ATOM 199 C "C2'"  . DG A 1 7  ? 5.593   -6.530  -4.524  1.00 0.00 ? 7  DG A "C2'"  1 
ATOM 200 C "C1'"  . DG A 1 7  ? 4.305   -7.110  -3.949  1.60 0.29 ? 7  DG A "C1'"  1 
ATOM 201 N N9     . DG A 1 7  ? 3.672   -6.249  -2.911  1.00 0.00 ? 7  DG A N9     1 
ATOM 202 C C8     . DG A 1 7  ? 4.263   -5.550  -1.881  1.60 0.23 ? 7  DG A C8     1 
ATOM 203 N N7     . DG A 1 7  ? 3.418   -4.882  -1.136  1.00 0.00 ? 7  DG A N7     1 
ATOM 204 C C5     . DG A 1 7  ? 2.178   -5.158  -1.712  1.00 0.00 ? 7  DG A C5     1 
ATOM 205 C C6     . DG A 1 7  ? 0.882   -4.717  -1.343  1.60 0.43 ? 7  DG A C6     1 
ATOM 206 O O6     . DG A 1 7  ? 0.553   -3.980  -0.418  1.00 0.00 ? 7  DG A O6     1 
ATOM 207 N N1     . DG A 1 7  ? -0.098  -5.237  -2.200  1.00 0.00 ? 7  DG A N1     1 
ATOM 208 C C2     . DG A 1 7  ? 0.143   -6.074  -3.272  1.60 0.50 ? 7  DG A C2     1 
ATOM 209 N N2     . DG A 1 7  ? -0.928  -6.462  -3.967  1.00 0.00 ? 7  DG A N2     1 
ATOM 210 N N3     . DG A 1 7  ? 1.362   -6.487  -3.616  1.00 0.00 ? 7  DG A N3     1 
ATOM 211 C C4     . DG A 1 7  ? 2.324   -5.992  -2.795  1.60 0.23 ? 7  DG A C4     1 
ATOM 212 H "H5'"  . DG A 1 7  ? 6.502   -9.481  -1.905  1.20 0.07 ? 7  DG A "H5'"  1 
ATOM 213 H "H5''" . DG A 1 7  ? 7.891   -9.203  -2.987  1.20 0.07 ? 7  DG A "H5''" 1 
ATOM 214 H "H4'"  . DG A 1 7  ? 5.874   -9.759  -4.284  1.20 0.06 ? 7  DG A "H4'"  1 
ATOM 215 H "H3'"  . DG A 1 7  ? 7.443   -7.614  -4.939  1.20 0.06 ? 7  DG A "H3'"  1 
ATOM 216 H "H2'"  . DG A 1 7  ? 6.177   -5.986  -3.782  1.20 0.05 ? 7  DG A "H2'"  1 
ATOM 217 H "H2''" . DG A 1 7  ? 5.310   -5.959  -5.408  1.20 0.05 ? 7  DG A "H2''" 1 
ATOM 218 H "H1'"  . DG A 1 7  ? 3.594   -7.286  -4.757  1.20 0.06 ? 7  DG A "H1'"  1 
ATOM 219 H H8     . DG A 1 7  ? 5.338   -5.552  -1.703  1.20 0.07 ? 7  DG A H8     1 
ATOM 220 H H1     . DG A 1 7  ? -1.068  -4.977  -2.018  1.20 0.29 ? 7  DG A H1     1 
ATOM 221 H H21    . DG A 1 7  ? -1.857  -6.139  -3.694  1.20 0.30 ? 7  DG A H21    1 
ATOM 222 H H22    . DG A 1 7  ? -0.819  -7.080  -4.771  1.20 0.30 ? 7  DG A H22    1 
ATOM 223 P P      . DT A 1 8  ? 6.316   -7.420  -7.538  1.90 0.46 ? 8  DT A P      1 
ATOM 224 O OP1    . DT A 1 8  ? 6.590   -8.352  -8.653  1.00 0.00 ? 8  DT A OP1    1 
ATOM 225 O OP2    . DT A 1 8  ? 7.391   -6.454  -7.218  1.00 0.00 ? 8  DT A OP2    1 
ATOM 226 O "O5'"  . DT A 1 8  ? 4.953   -6.630  -7.821  1.00 0.00 ? 8  DT A "O5'"  1 
ATOM 227 C "C5'"  . DT A 1 8  ? 3.763   -7.380  -8.209  1.00 0.00 ? 8  DT A "C5'"  1 
ATOM 228 C "C4'"  . DT A 1 8  ? 2.584   -6.444  -8.381  1.60 0.13 ? 8  DT A "C4'"  1 
ATOM 229 O "O4'"  . DT A 1 8  ? 2.184   -5.888  -7.080  1.00 0.00 ? 8  DT A "O4'"  1 
ATOM 230 C "C3'"  . DT A 1 8  ? 2.815   -5.264  -9.325  1.60 0.05 ? 8  DT A "C3'"  1 
ATOM 231 O "O3'"  . DT A 1 8  ? 1.770   -5.196  -10.288 1.00 0.00 ? 8  DT A "O3'"  1 
ATOM 232 C "C2'"  . DT A 1 8  ? 2.784   -4.060  -8.385  1.00 0.00 ? 8  DT A "C2'"  1 
ATOM 233 C "C1'"  . DT A 1 8  ? 1.839   -4.527  -7.283  1.60 0.29 ? 8  DT A "C1'"  1 
ATOM 234 N N1     . DT A 1 8  ? 1.932   -3.741  -6.021  1.00 0.00 ? 8  DT A N1     1 
ATOM 235 C C2     . DT A 1 8  ? 0.758   -3.258  -5.497  1.60 0.52 ? 8  DT A C2     1 
ATOM 236 O O2     . DT A 1 8  ? -0.328  -3.447  -6.018  1.00 0.00 ? 8  DT A O2     1 
ATOM 237 N N3     . DT A 1 8  ? 0.883   -2.535  -4.327  1.00 0.00 ? 8  DT A N3     1 
ATOM 238 C C4     . DT A 1 8  ? 2.057   -2.263  -3.655  1.60 0.43 ? 8  DT A C4     1 
ATOM 239 O O4     . DT A 1 8  ? 2.045   -1.603  -2.614  1.00 0.00 ? 8  DT A O4     1 
ATOM 240 C C5     . DT A 1 8  ? 3.237   -2.812  -4.283  1.00 0.00 ? 8  DT A C5     1 
ATOM 241 C C7     . DT A 1 8  ? 4.557   -2.562  -3.616  1.00 0.00 ? 8  DT A C7     1 
ATOM 242 C C6     . DT A 1 8  ? 3.143   -3.519  -5.421  1.60 0.08 ? 8  DT A C6     1 
ATOM 243 H "H5'"  . DT A 1 8  ? 3.538   -8.109  -7.431  1.20 0.07 ? 8  DT A "H5'"  1 
ATOM 244 H "H5''" . DT A 1 8  ? 3.963   -7.896  -9.148  1.20 0.07 ? 8  DT A "H5''" 1 
ATOM 245 H "H4'"  . DT A 1 8  ? 1.717   -7.011  -8.723  1.20 0.06 ? 8  DT A "H4'"  1 
ATOM 246 H "H3'"  . DT A 1 8  ? 3.789   -5.376  -9.805  1.20 0.06 ? 8  DT A "H3'"  1 
ATOM 247 H "H2'"  . DT A 1 8  ? 3.792   -3.862  -8.021  1.20 0.05 ? 8  DT A "H2'"  1 
ATOM 248 H "H2''" . DT A 1 8  ? 2.295   -3.224  -8.886  1.20 0.05 ? 8  DT A "H2''" 1 
ATOM 249 H "H1'"  . DT A 1 8  ? 0.811   -4.512  -7.646  1.20 0.06 ? 8  DT A "H1'"  1 
ATOM 250 H H3     . DT A 1 8  ? 0.024   -2.166  -3.920  1.20 0.29 ? 8  DT A H3     1 
ATOM 251 H H71    . DT A 1 8  ? 5.306   -3.237  -4.030  1.20 0.05 ? 8  DT A H71    1 
ATOM 252 H H72    . DT A 1 8  ? 4.862   -1.530  -3.790  1.20 0.05 ? 8  DT A H72    1 
ATOM 253 H H73    . DT A 1 8  ? 4.463   -2.739  -2.545  1.20 0.05 ? 8  DT A H73    1 
ATOM 254 H H6     . DT A 1 8  ? 4.048   -3.923  -5.875  1.20 0.06 ? 8  DT A H6     1 
ATOM 255 P P      . DA A 1 9  ? 1.871   -4.124  -11.472 1.90 0.46 ? 9  DA A P      1 
ATOM 256 O OP1    . DA A 1 9  ? 1.373   -4.724  -12.729 1.00 0.00 ? 9  DA A OP1    1 
ATOM 257 O OP2    . DA A 1 9  ? 3.240   -3.561  -11.516 1.00 0.00 ? 9  DA A OP2    1 
ATOM 258 O "O5'"  . DA A 1 9  ? 0.847   -3.002  -10.970 1.00 0.00 ? 9  DA A "O5'"  1 
ATOM 259 C "C5'"  . DA A 1 9  ? -0.588  -3.281  -10.996 1.00 0.00 ? 9  DA A "C5'"  1 
ATOM 260 C "C4'"  . DA A 1 9  ? -1.372  -2.071  -10.531 1.60 0.13 ? 9  DA A "C4'"  1 
ATOM 261 O "O4'"  . DA A 1 9  ? -1.131  -1.831  -9.107  1.00 0.00 ? 9  DA A "O4'"  1 
ATOM 262 C "C3'"  . DA A 1 9  ? -1.069  -0.769  -11.276 1.60 0.05 ? 9  DA A "C3'"  1 
ATOM 263 O "O3'"  . DA A 1 9  ? -2.268  -0.231  -11.821 1.00 0.00 ? 9  DA A "O3'"  1 
ATOM 264 C "C2'"  . DA A 1 9  ? -0.499  0.143   -10.190 1.00 0.00 ? 9  DA A "C2'"  1 
ATOM 265 C "C1'"  . DA A 1 9  ? -1.042  -0.432  -8.887  1.60 0.29 ? 9  DA A "C1'"  1 
ATOM 266 N N9     . DA A 1 9  ? -0.207  -0.122  -7.692  1.00 0.00 ? 9  DA A N9     1 
ATOM 267 C C8     . DA A 1 9  ? 1.140   -0.326  -7.497  1.60 0.26 ? 9  DA A C8     1 
ATOM 268 N N7     . DA A 1 9  ? 1.569   0.056   -6.335  1.00 0.00 ? 9  DA A N7     1 
ATOM 269 C C5     . DA A 1 9  ? 0.435   0.549   -5.705  1.60 0.03 ? 9  DA A C5     1 
ATOM 270 C C6     . DA A 1 9  ? 0.225   1.110   -4.435  1.60 0.36 ? 9  DA A C6     1 
ATOM 271 N N6     . DA A 1 9  ? 1.199   1.273   -3.527  1.00 0.00 ? 9  DA A N6     1 
ATOM 272 N N1     . DA A 1 9  ? -1.027  1.497   -4.128  1.00 0.00 ? 9  DA A N1     1 
ATOM 273 C C2     . DA A 1 9  ? -1.990  1.333   -5.034  1.60 0.25 ? 9  DA A C2     1 
ATOM 274 N N3     . DA A 1 9  ? -1.915  0.826   -6.244  1.00 0.00 ? 9  DA A N3     1 
ATOM 275 C C4     . DA A 1 9  ? -0.651  0.444   -6.526  1.60 0.23 ? 9  DA A C4     1 
ATOM 276 H "H5'"  . DA A 1 9  ? -0.794  -4.123  -10.336 1.20 0.07 ? 9  DA A "H5'"  1 
ATOM 277 H "H5''" . DA A 1 9  ? -0.875  -3.534  -12.016 1.20 0.07 ? 9  DA A "H5''" 1 
ATOM 278 H "H4'"  . DA A 1 9  ? -2.439  -2.280  -10.602 1.20 0.06 ? 9  DA A "H4'"  1 
ATOM 279 H "H3'"  . DA A 1 9  ? -0.335  -0.970  -12.056 1.20 0.06 ? 9  DA A "H3'"  1 
ATOM 280 H "H2'"  . DA A 1 9  ? 0.589   0.106   -10.238 1.20 0.05 ? 9  DA A "H2'"  1 
ATOM 281 H "H2''" . DA A 1 9  ? -0.938  1.134   -10.295 1.20 0.05 ? 9  DA A "H2''" 1 
ATOM 282 H "H1'"  . DA A 1 9  ? -2.059  -0.076  -8.722  1.20 0.06 ? 9  DA A "H1'"  1 
ATOM 283 H H8     . DA A 1 9  ? 1.786   -0.770  -8.254  1.20 0.07 ? 9  DA A H8     1 
ATOM 284 H H61    . DA A 1 9  ? 0.988   1.687   -2.620  1.20 0.29 ? 9  DA A H61    1 
ATOM 285 H H62    . DA A 1 9  ? 2.152   0.984   -3.746  1.20 0.29 ? 9  DA A H62    1 
ATOM 286 H H2     . DA A 1 9  ? -2.981  1.666   -4.727  1.20 0.07 ? 9  DA A H2     1 
ATOM 287 P P      . DG A 1 10 ? -2.193  1.108   -12.695 1.90 0.46 ? 10 DG A P      1 
ATOM 288 O OP1    . DG A 1 10 ? -3.175  1.034   -13.799 1.00 0.00 ? 10 DG A OP1    1 
ATOM 289 O OP2    . DG A 1 10 ? -0.789  1.365   -13.087 1.00 0.00 ? 10 DG A OP2    1 
ATOM 290 O "O5'"  . DG A 1 10 ? -2.662  2.206   -11.631 1.00 0.00 ? 10 DG A "O5'"  1 
ATOM 291 C "C5'"  . DG A 1 10 ? -3.958  2.054   -10.979 1.00 0.00 ? 10 DG A "C5'"  1 
ATOM 292 C "C4'"  . DG A 1 10 ? -4.091  3.030   -9.827  1.60 0.13 ? 10 DG A "C4'"  1 
ATOM 293 O "O4'"  . DG A 1 10 ? -3.033  2.790   -8.823  1.00 0.00 ? 10 DG A "O4'"  1 
ATOM 294 C "C3'"  . DG A 1 10 ? -4.005  4.510   -10.203 1.60 0.05 ? 10 DG A "C3'"  1 
ATOM 295 O "O3'"  . DG A 1 10 ? -5.032  5.249   -9.549  1.00 0.00 ? 10 DG A "O3'"  1 
ATOM 296 C "C2'"  . DG A 1 10 ? -2.620  4.886   -9.678  1.00 0.00 ? 10 DG A "C2'"  1 
ATOM 297 C "C1'"  . DG A 1 10 ? -2.574  4.063   -8.395  1.60 0.29 ? 10 DG A "C1'"  1 
ATOM 298 N N9     . DG A 1 10 ? -1.231  3.988   -7.753  1.00 0.00 ? 10 DG A N9     1 
ATOM 299 C C8     . DG A 1 10 ? -0.035  3.559   -8.283  1.60 0.23 ? 10 DG A C8     1 
ATOM 300 N N7     . DG A 1 10 ? 0.971   3.618   -7.446  1.00 0.00 ? 10 DG A N7     1 
ATOM 301 C C5     . DG A 1 10 ? 0.402   4.122   -6.278  1.00 0.00 ? 10 DG A C5     1 
ATOM 302 C C6     . DG A 1 10 ? 0.995   4.406   -5.020  1.60 0.43 ? 10 DG A C6     1 
ATOM 303 O O6     . DG A 1 10 ? 2.165   4.270   -4.673  1.00 0.00 ? 10 DG A O6     1 
ATOM 304 N N1     . DG A 1 10 ? 0.052   4.905   -4.111  1.00 0.00 ? 10 DG A N1     1 
ATOM 305 C C2     . DG A 1 10 ? -1.288  5.102   -4.381  1.60 0.50 ? 10 DG A C2     1 
ATOM 306 N N2     . DG A 1 10 ? -2.023  5.588   -3.377  1.00 0.00 ? 10 DG A N2     1 
ATOM 307 N N3     . DG A 1 10 ? -1.844  4.835   -5.561  1.00 0.00 ? 10 DG A N3     1 
ATOM 308 C C4     . DG A 1 10 ? -0.942  4.350   -6.454  1.60 0.23 ? 10 DG A C4     1 
ATOM 309 H "H5'"  . DG A 1 10 ? -4.038  1.035   -10.601 1.20 0.07 ? 10 DG A "H5'"  1 
ATOM 310 H "H5''" . DG A 1 10 ? -4.747  2.237   -11.707 1.20 0.07 ? 10 DG A "H5''" 1 
ATOM 311 H "H4'"  . DG A 1 10 ? -5.028  2.847   -9.301  1.20 0.06 ? 10 DG A "H4'"  1 
ATOM 312 H "H3'"  . DG A 1 10 ? -4.073  4.614   -11.286 1.20 0.06 ? 10 DG A "H3'"  1 
ATOM 313 H "H2'"  . DG A 1 10 ? -1.861  4.594   -10.404 1.20 0.05 ? 10 DG A "H2'"  1 
ATOM 314 H "H2''" . DG A 1 10 ? -2.611  5.936   -9.386  1.20 0.05 ? 10 DG A "H2''" 1 
ATOM 315 H "H1'"  . DG A 1 10 ? -3.299  4.442   -7.676  1.20 0.06 ? 10 DG A "H1'"  1 
ATOM 316 H H8     . DG A 1 10 ? 0.066   3.201   -9.308  1.20 0.07 ? 10 DG A H8     1 
ATOM 317 H H1     . DG A 1 10 ? 0.381   5.141   -3.176  1.20 0.29 ? 10 DG A H1     1 
ATOM 318 H H21    . DG A 1 10 ? -1.588  5.789   -2.477  1.20 0.30 ? 10 DG A H21    1 
ATOM 319 H H22    . DG A 1 10 ? -3.020  5.757   -3.510  1.20 0.30 ? 10 DG A H22    1 
ATOM 320 P P      . DG A 1 11 ? -5.250  6.786   -9.933  1.90 0.46 ? 11 DG A P      1 
ATOM 321 O OP1    . DG A 1 11 ? -6.611  6.972   -10.480 1.00 0.00 ? 11 DG A OP1    1 
ATOM 322 O OP2    . DG A 1 11 ? -4.134  7.246   -10.791 1.00 0.00 ? 11 DG A OP2    1 
ATOM 323 O "O5'"  . DG A 1 11 ? -5.147  7.488   -8.499  1.00 0.00 ? 11 DG A "O5'"  1 
ATOM 324 C "C5'"  . DG A 1 11 ? -6.072  7.084   -7.440  1.00 0.00 ? 11 DG A "C5'"  1 
ATOM 325 C "C4'"  . DG A 1 11 ? -5.713  7.769   -6.136  1.60 0.13 ? 11 DG A "C4'"  1 
ATOM 326 O "O4'"  . DG A 1 11 ? -4.375  7.344   -5.687  1.00 0.00 ? 11 DG A "O4'"  1 
ATOM 327 C "C3'"  . DG A 1 11 ? -5.705  9.297   -6.177  1.60 0.05 ? 11 DG A "C3'"  1 
ATOM 328 O "O3'"  . DG A 1 11 ? -6.211  9.831   -4.958  1.00 0.00 ? 11 DG A "O3'"  1 
ATOM 329 C "C2'"  . DG A 1 11 ? -4.215  9.591   -6.345  1.00 0.00 ? 11 DG A "C2'"  1 
ATOM 330 C "C1'"  . DG A 1 11 ? -3.590  8.506   -5.473  1.60 0.29 ? 11 DG A "C1'"  1 
ATOM 331 N N9     . DG A 1 11 ? -2.153  8.248   -5.768  1.00 0.00 ? 11 DG A N9     1 
ATOM 332 C C8     . DG A 1 11 ? -1.578  7.715   -6.900  1.60 0.23 ? 11 DG A C8     1 
ATOM 333 N N7     . DG A 1 11 ? -0.272  7.619   -6.841  1.00 0.00 ? 11 DG A N7     1 
ATOM 334 C C5     . DG A 1 11 ? 0.041   8.125   -5.580  1.00 0.00 ? 11 DG A C5     1 
ATOM 335 C C6     . DG A 1 11 ? 1.300   8.278   -4.943  1.60 0.43 ? 11 DG A C6     1 
ATOM 336 O O6     . DG A 1 11 ? 2.417   7.995   -5.367  1.00 0.00 ? 11 DG A O6     1 
ATOM 337 N N1     . DG A 1 11 ? 1.161   8.834   -3.664  1.00 0.00 ? 11 DG A N1     1 
ATOM 338 C C2     . DG A 1 11 ? -0.037  9.193   -3.076  1.60 0.50 ? 11 DG A C2     1 
ATOM 339 N N2     . DG A 1 11 ? 0.044   9.707   -1.847  1.00 0.00 ? 11 DG A N2     1 
ATOM 340 N N3     . DG A 1 11 ? -1.216  9.049   -3.675  1.00 0.00 ? 11 DG A N3     1 
ATOM 341 C C4     . DG A 1 11 ? -1.100  8.511   -4.917  1.60 0.23 ? 11 DG A C4     1 
ATOM 342 H "H5'"  . DG A 1 11 ? -6.007  6.004   -7.312  1.20 0.07 ? 11 DG A "H5'"  1 
ATOM 343 H "H5''" . DG A 1 11 ? -7.085  7.360   -7.732  1.20 0.07 ? 11 DG A "H5''" 1 
ATOM 344 H "H4'"  . DG A 1 11 ? -6.393  7.436   -5.352  1.20 0.06 ? 11 DG A "H4'"  1 
ATOM 345 H "H3'"  . DG A 1 11 ? -6.287  9.642   -7.032  1.20 0.06 ? 11 DG A "H3'"  1 
ATOM 346 H "H2'"  . DG A 1 11 ? -3.943  9.502   -7.396  1.20 0.05 ? 11 DG A "H2'"  1 
ATOM 347 H "H2''" . DG A 1 11 ? -3.978  10.547  -5.879  1.20 0.05 ? 11 DG A "H2''" 1 
ATOM 348 H "H1'"  . DG A 1 11 ? -3.704  8.769   -4.422  1.20 0.06 ? 11 DG A "H1'"  1 
ATOM 349 H H8     . DG A 1 11 ? -2.156  7.400   -7.768  1.20 0.07 ? 11 DG A H8     1 
ATOM 350 H H1     . DG A 1 11 ? 2.012   8.985   -3.122  1.20 0.29 ? 11 DG A H1     1 
ATOM 351 H H21    . DG A 1 11 ? 0.954   9.814   -1.397  1.20 0.30 ? 11 DG A H21    1 
ATOM 352 H H22    . DG A 1 11 ? -0.802  9.994   -1.357  1.20 0.30 ? 11 DG A H22    1 
ATOM 353 P P      . DT A 1 12 ? -6.440  11.410  -4.835  1.90 0.46 ? 12 DT A P      1 
ATOM 354 O OP1    . DT A 1 12 ? -7.760  11.674  -4.224  1.00 0.00 ? 12 DT A OP1    1 
ATOM 355 O OP2    . DT A 1 12 ? -6.189  12.051  -6.146  1.00 0.00 ? 12 DT A OP2    1 
ATOM 356 O "O5'"  . DT A 1 12 ? -5.282  11.817  -3.809  1.00 0.00 ? 12 DT A "O5'"  1 
ATOM 357 C "C5'"  . DT A 1 12 ? -5.346  11.344  -2.426  1.00 0.00 ? 12 DT A "C5'"  1 
ATOM 358 C "C4'"  . DT A 1 12 ? -4.366  12.112  -1.562  1.60 0.13 ? 12 DT A "C4'"  1 
ATOM 359 O "O4'"  . DT A 1 12 ? -2.988  11.722  -1.889  1.00 0.00 ? 12 DT A "O4'"  1 
ATOM 360 C "C3'"  . DT A 1 12 ? -4.443  13.634  -1.677  1.60 0.05 ? 12 DT A "C3'"  1 
ATOM 361 O "O3'"  . DT A 1 12 ? -4.272  14.233  -0.398  1.00 0.00 ? 12 DT A "O3'"  1 
ATOM 362 C "C2'"  . DT A 1 12 ? -3.273  13.956  -2.605  1.00 0.00 ? 12 DT A "C2'"  1 
ATOM 363 C "C1'"  . DT A 1 12 ? -2.251  12.882  -2.245  1.60 0.29 ? 12 DT A "C1'"  1 
ATOM 364 N N1     . DT A 1 12 ? -1.285  12.586  -3.338  1.00 0.00 ? 12 DT A N1     1 
ATOM 365 C C2     . DT A 1 12 ? 0.051   12.647  -3.026  1.60 0.52 ? 12 DT A C2     1 
ATOM 366 O O2     . DT A 1 12 ? 0.459   12.929  -1.912  1.00 0.00 ? 12 DT A O2     1 
ATOM 367 N N3     . DT A 1 12 ? 0.917   12.367  -4.064  1.00 0.00 ? 12 DT A N3     1 
ATOM 368 C C4     . DT A 1 12 ? 0.566   12.038  -5.357  1.60 0.43 ? 12 DT A C4     1 
ATOM 369 O O4     . DT A 1 12 ? 1.433   11.807  -6.203  1.00 0.00 ? 12 DT A O4     1 
ATOM 370 C C5     . DT A 1 12 ? -0.859  11.999  -5.590  1.00 0.00 ? 12 DT A C5     1 
ATOM 371 C C7     . DT A 1 12 ? -1.328  11.649  -6.970  1.00 0.00 ? 12 DT A C7     1 
ATOM 372 C C6     . DT A 1 12 ? -1.723  12.268  -4.597  1.60 0.08 ? 12 DT A C6     1 
ATOM 373 H "H5'"  . DT A 1 12 ? -5.096  10.284  -2.405  1.20 0.07 ? 12 DT A "H5'"  1 
ATOM 374 H "H5''" . DT A 1 12 ? -6.359  11.490  -2.049  1.20 0.07 ? 12 DT A "H5''" 1 
ATOM 375 H "H4'"  . DT A 1 12 ? -4.499  11.825  -0.519  1.20 0.06 ? 12 DT A "H4'"  1 
ATOM 376 H "H3'"  . DT A 1 12 ? -5.399  13.913  -2.120  1.20 0.06 ? 12 DT A "H3'"  1 
ATOM 377 H "H2'"  . DT A 1 12 ? -3.607  13.890  -3.640  1.20 0.05 ? 12 DT A "H2'"  1 
ATOM 378 H "H2''" . DT A 1 12 ? -2.836  14.912  -2.315  1.20 0.05 ? 12 DT A "H2''" 1 
ATOM 379 H "H1'"  . DT A 1 12 ? -1.707  13.184  -1.350  1.20 0.06 ? 12 DT A "H1'"  1 
ATOM 380 H H3     . DT A 1 12 ? 1.915   12.406  -3.855  1.20 0.29 ? 12 DT A H3     1 
ATOM 381 H H71    . DT A 1 12 ? -2.403  11.816  -7.041  1.20 0.05 ? 12 DT A H71    1 
ATOM 382 H H72    . DT A 1 12 ? -0.814  12.277  -7.698  1.20 0.05 ? 12 DT A H72    1 
ATOM 383 H H73    . DT A 1 12 ? -1.109  10.601  -7.174  1.20 0.05 ? 12 DT A H73    1 
ATOM 384 H H6     . DT A 1 12 ? -2.795  12.231  -4.797  1.20 0.06 ? 12 DT A H6     1 
ATOM 385 P P      . DC A 1 13 ? -4.536  15.803  -0.231  1.90 0.46 ? 13 DC A P      1 
ATOM 386 O OP1    . DC A 1 13 ? -4.998  16.086  1.146   1.00 0.00 ? 13 DC A OP1    1 
ATOM 387 O OP2    . DC A 1 13 ? -5.417  16.276  -1.324  1.00 0.00 ? 13 DC A OP2    1 
ATOM 388 O "O5'"  . DC A 1 13 ? -3.064  16.395  -0.436  1.00 0.00 ? 13 DC A "O5'"  1 
ATOM 389 C "C5'"  . DC A 1 13 ? -2.064  16.196  0.606   1.00 0.00 ? 13 DC A "C5'"  1 
ATOM 390 C "C4'"  . DC A 1 13 ? -0.741  16.808  0.190   1.60 0.13 ? 13 DC A "C4'"  1 
ATOM 391 O "O4'"  . DC A 1 13 ? -0.151  16.049  -0.926  1.00 0.00 ? 13 DC A "O4'"  1 
ATOM 392 C "C3'"  . DC A 1 13 ? -0.801  18.266  -0.268  1.60 0.05 ? 13 DC A "C3'"  1 
ATOM 393 O "O3'"  . DC A 1 13 ? 0.251   19.015  0.329   1.00 0.00 ? 13 DC A "O3'"  1 
ATOM 394 C "C2'"  . DC A 1 13 ? -0.610  18.136  -1.778  1.00 0.00 ? 13 DC A "C2'"  1 
ATOM 395 C "C1'"  . DC A 1 13 ? 0.403   16.997  -1.823  1.60 0.29 ? 13 DC A "C1'"  1 
ATOM 396 N N1     . DC A 1 13 ? 0.631   16.420  -3.178  1.00 0.00 ? 13 DC A N1     1 
ATOM 397 C C2     . DC A 1 13 ? 1.945   16.176  -3.566  1.60 0.47 ? 13 DC A C2     1 
ATOM 398 O O2     . DC A 1 13 ? 2.860   16.448  -2.779  1.00 0.00 ? 13 DC A O2     1 
ATOM 399 N N3     . DC A 1 13 ? 2.174   15.650  -4.797  1.00 0.00 ? 13 DC A N3     1 
ATOM 400 C C4     . DC A 1 13 ? 1.156   15.370  -5.620  1.60 0.41 ? 13 DC A C4     1 
ATOM 401 N N4     . DC A 1 13 ? 1.431   14.857  -6.808  1.00 0.00 ? 13 DC A N4     1 
ATOM 402 C C5     . DC A 1 13 ? -0.204  15.612  -5.238  1.00 0.00 ? 13 DC A C5     1 
ATOM 403 C C6     . DC A 1 13 ? -0.412  16.139  -4.005  1.60 0.25 ? 13 DC A C6     1 
ATOM 404 H "H5'"  . DC A 1 13 ? -1.935  15.125  0.763   1.20 0.07 ? 13 DC A "H5'"  1 
ATOM 405 H "H5''" . DC A 1 13 ? -2.410  16.664  1.529   1.20 0.07 ? 13 DC A "H5''" 1 
ATOM 406 H "H4'"  . DC A 1 13 ? -0.025  16.717  1.007   1.20 0.06 ? 13 DC A "H4'"  1 
ATOM 407 H "H3'"  . DC A 1 13 ? -1.777  18.684  -0.017  1.20 0.06 ? 13 DC A "H3'"  1 
ATOM 408 H "H2'"  . DC A 1 13 ? -1.560  17.888  -2.251  1.20 0.05 ? 13 DC A "H2'"  1 
ATOM 409 H "H2''" . DC A 1 13 ? -0.113  19.026  -2.165  1.20 0.05 ? 13 DC A "H2''" 1 
ATOM 410 H "H1'"  . DC A 1 13 ? 1.354   17.322  -1.403  1.20 0.06 ? 13 DC A "H1'"  1 
ATOM 411 H H41    . DC A 1 13 ? 2.400   14.685  -7.078  1.20 0.29 ? 13 DC A H41    1 
ATOM 412 H H42    . DC A 1 13 ? 0.675   14.634  -7.455  1.20 0.29 ? 13 DC A H42    1 
ATOM 413 H H5     . DC A 1 13 ? -1.034  15.385  -5.907  1.20 0.06 ? 13 DC A H5     1 
ATOM 414 H H6     . DC A 1 13 ? -1.430  16.341  -3.673  1.20 0.06 ? 13 DC A H6     1 
ATOM 415 P P      . DA A 1 14 ? 0.158   20.613  0.343   1.90 0.46 ? 14 DA A P      1 
ATOM 416 O OP1    . DA A 1 14 ? -0.355  21.068  1.653   1.00 0.00 ? 14 DA A OP1    1 
ATOM 417 O OP2    . DA A 1 14 ? -0.590  21.077  -0.847  1.00 0.00 ? 14 DA A OP2    1 
ATOM 418 O "O5'"  . DA A 1 14 ? 1.699   21.020  0.199   1.00 0.00 ? 14 DA A "O5'"  1 
ATOM 419 C "C5'"  . DA A 1 14 ? 2.634   20.682  1.267   1.00 0.00 ? 14 DA A "C5'"  1 
ATOM 420 C "C4'"  . DA A 1 14 ? 4.052   21.025  0.856   1.60 0.13 ? 14 DA A "C4'"  1 
ATOM 421 O "O4'"  . DA A 1 14 ? 4.469   20.192  -0.276  1.00 0.00 ? 14 DA A "O4'"  1 
ATOM 422 C "C3'"  . DA A 1 14 ? 4.285   22.476  0.439   1.60 0.05 ? 14 DA A "C3'"  1 
ATOM 423 O "O3'"  . DA A 1 14 ? 5.583   22.901  0.841   1.00 0.00 ? 14 DA A "O3'"  1 
ATOM 424 C "C2'"  . DA A 1 14 ? 4.168   22.410  -1.083  1.00 0.00 ? 14 DA A "C2'"  1 
ATOM 425 C "C1'"  . DA A 1 14 ? 4.638   21.000  -1.430  1.60 0.29 ? 14 DA A "C1'"  1 
ATOM 426 N N9     . DA A 1 14 ? 3.924   20.409  -2.596  1.00 0.00 ? 14 DA A N9     1 
ATOM 427 C C8     . DA A 1 14 ? 2.574   20.390  -2.868  1.60 0.26 ? 14 DA A C8     1 
ATOM 428 N N7     . DA A 1 14 ? 2.269   19.790  -3.977  1.00 0.00 ? 14 DA A N7     1 
ATOM 429 C C5     . DA A 1 14 ? 3.494   19.379  -4.483  1.60 0.03 ? 14 DA A C5     1 
ATOM 430 C C6     . DA A 1 14 ? 3.850   18.681  -5.649  1.60 0.36 ? 14 DA A C6     1 
ATOM 431 N N6     . DA A 1 14 ? 2.962   18.253  -6.556  1.00 0.00 ? 14 DA A N6     1 
ATOM 432 N N1     . DA A 1 14 ? 5.159   18.436  -5.848  1.00 0.00 ? 14 DA A N1     1 
ATOM 433 C C2     . DA A 1 14 ? 6.038   18.863  -4.942  1.60 0.25 ? 14 DA A C2     1 
ATOM 434 N N3     . DA A 1 14 ? 5.824   19.520  -3.824  1.00 0.00 ? 14 DA A N3     1 
ATOM 435 C C4     . DA A 1 14 ? 4.507   19.753  -3.648  1.60 0.23 ? 14 DA A C4     1 
ATOM 436 H "H5'"  . DA A 1 14 ? 2.562   19.613  1.468   1.20 0.07 ? 14 DA A "H5'"  1 
ATOM 437 H "H5''" . DA A 1 14 ? 2.367   21.242  2.164   1.20 0.07 ? 14 DA A "H5''" 1 
ATOM 438 H "H4'"  . DA A 1 14 ? 4.737   20.768  1.664   1.20 0.06 ? 14 DA A "H4'"  1 
ATOM 439 H "H3'"  . DA A 1 14 ? 3.510   23.106  0.876   1.20 0.06 ? 14 DA A "H3'"  1 
ATOM 440 H "H2'"  . DA A 1 14 ? 3.130   22.582  -1.365  1.20 0.05 ? 14 DA A "H2'"  1 
ATOM 441 H "H2''" . DA A 1 14 ? 4.893   23.093  -1.526  1.20 0.05 ? 14 DA A "H2''" 1 
ATOM 442 H "H1'"  . DA A 1 14 ? 5.710   21.018  -1.631  1.20 0.06 ? 14 DA A "H1'"  1 
ATOM 443 H H8     . DA A 1 14 ? 1.831   20.839  -2.209  1.20 0.07 ? 14 DA A H8     1 
ATOM 444 H H61    . DA A 1 14 ? 3.280   17.751  -7.385  1.20 0.29 ? 14 DA A H61    1 
ATOM 445 H H62    . DA A 1 14 ? 1.967   18.431  -6.419  1.20 0.29 ? 14 DA A H62    1 
ATOM 446 H H2     . DA A 1 14 ? 7.081   18.635  -5.159  1.20 0.07 ? 14 DA A H2     1 
ATOM 447 P P      . DG A 1 15 ? 6.004   24.429  0.626   1.90 0.46 ? 15 DG A P      1 
ATOM 448 O OP1    . DG A 1 15 ? 6.992   24.822  1.653   1.00 0.00 ? 15 DG A OP1    1 
ATOM 449 O OP2    . DG A 1 15 ? 4.789   25.270  0.535   1.00 0.00 ? 15 DG A OP2    1 
ATOM 450 O "O5'"  . DG A 1 15 ? 6.716   24.362  -0.806  1.00 0.00 ? 15 DG A "O5'"  1 
ATOM 451 C "C5'"  . DG A 1 15 ? 7.879   23.499  -0.986  1.00 0.00 ? 15 DG A "C5'"  1 
ATOM 452 C "C4'"  . DG A 1 15 ? 8.194   23.345  -2.460  1.60 0.12 ? 15 DG A "C4'"  1 
ATOM 453 O "O4'"  . DG A 1 15 ? 7.092   22.661  -3.145  1.00 0.00 ? 15 DG A "O4'"  1 
ATOM 454 C "C3'"  . DG A 1 15 ? 8.450   24.648  -3.216  1.60 0.13 ? 15 DG A "C3'"  1 
ATOM 455 O "O3'"  . DG A 1 15 ? 9.781   24.665  -3.712  1.00 0.00 ? 15 DG A "O3'"  1 
ATOM 456 C "C2'"  . DG A 1 15 ? 7.439   24.612  -4.361  1.00 0.00 ? 15 DG A "C2'"  1 
ATOM 457 C "C1'"  . DG A 1 15 ? 7.084   23.133  -4.483  1.60 0.29 ? 15 DG A "C1'"  1 
ATOM 458 N N9     . DG A 1 15 ? 5.780   22.869  -5.153  1.00 0.00 ? 15 DG A N9     1 
ATOM 459 C C8     . DG A 1 15 ? 4.515   23.274  -4.787  1.60 0.23 ? 15 DG A C8     1 
ATOM 460 N N7     . DG A 1 15 ? 3.569   22.868  -5.599  1.00 0.00 ? 15 DG A N7     1 
ATOM 461 C C5     . DG A 1 15 ? 4.256   22.142  -6.571  1.00 0.00 ? 15 DG A C5     1 
ATOM 462 C C6     . DG A 1 15 ? 3.768   21.459  -7.714  1.60 0.43 ? 15 DG A C6     1 
ATOM 463 O O6     . DG A 1 15 ? 2.612   21.351  -8.113  1.00 0.00 ? 15 DG A O6     1 
ATOM 464 N N1     . DG A 1 15 ? 4.812   20.852  -8.430  1.00 0.00 ? 15 DG A N1     1 
ATOM 465 C C2     . DG A 1 15 ? 6.147   20.900  -8.086  1.60 0.50 ? 15 DG A C2     1 
ATOM 466 N N2     . DG A 1 15 ? 6.986   20.257  -8.901  1.00 0.00 ? 15 DG A N2     1 
ATOM 467 N N3     . DG A 1 15 ? 6.603   21.542  -7.013  1.00 0.00 ? 15 DG A N3     1 
ATOM 468 C C4     . DG A 1 15 ? 5.605   22.136  -6.307  1.60 0.23 ? 15 DG A C4     1 
ATOM 469 H "H5'"  . DG A 1 15 ? 7.661   22.521  -0.556  1.20 0.07 ? 15 DG A "H5'"  1 
ATOM 470 H "H5''" . DG A 1 15 ? 8.733   23.942  -0.472  1.20 0.07 ? 15 DG A "H5''" 1 
ATOM 471 H "H4'"  . DG A 1 15 ? 9.054   22.685  -2.581  1.20 0.06 ? 15 DG A "H4'"  1 
ATOM 472 H "H3'"  . DG A 1 15 ? 8.266   25.488  -2.547  1.20 0.06 ? 15 DG A "H3'"  1 
ATOM 473 H "H2'"  . DG A 1 15 ? 6.579   25.227  -4.092  1.20 0.05 ? 15 DG A "H2'"  1 
ATOM 474 H "H2''" . DG A 1 15 ? 7.939   24.887  -5.288  1.20 0.05 ? 15 DG A "H2''" 1 
ATOM 475 H "H1'"  . DG A 1 15 ? 7.877   22.604  -5.010  1.20 0.06 ? 15 DG A "H1'"  1 
ATOM 476 H H8     . DG A 1 15 ? 4.319   23.880  -3.903  1.20 0.07 ? 15 DG A H8     1 
ATOM 477 H H1     . DG A 1 15 ? 4.562   20.334  -9.273  1.20 0.29 ? 15 DG A H1     1 
ATOM 478 H H21    . DG A 1 15 ? 6.626   19.768  -9.721  1.20 0.30 ? 15 DG A H21    1 
ATOM 479 H H22    . DG A 1 15 ? 7.987   20.253  -8.704  1.20 0.30 ? 15 DG A H22    1 
ATOM 480 C "C5'"  . DC B 2 1  ? 4.821   17.566  -17.183 1.00 0.00 ? 16 DC B "C5'"  1 
ATOM 481 C "C4'"  . DC B 2 1  ? 5.960   17.680  -16.189 1.60 0.11 ? 16 DC B "C4'"  1 
ATOM 482 O "O4'"  . DC B 2 1  ? 5.631   18.663  -15.158 1.00 0.00 ? 16 DC B "O4'"  1 
ATOM 483 C "C3'"  . DC B 2 1  ? 6.340   16.381  -15.478 1.60 0.04 ? 16 DC B "C3'"  1 
ATOM 484 O "O3'"  . DC B 2 1  ? 7.752   16.296  -15.323 1.00 0.00 ? 16 DC B "O3'"  1 
ATOM 485 C "C2'"  . DC B 2 1  ? 5.636   16.541  -14.132 1.00 0.00 ? 16 DC B "C2'"  1 
ATOM 486 C "C1'"  . DC B 2 1  ? 5.677   18.046  -13.882 1.60 0.29 ? 16 DC B "C1'"  1 
ATOM 487 N N1     . DC B 2 1  ? 4.577   18.539  -13.008 1.00 0.00 ? 16 DC B N1     1 
ATOM 488 C C2     . DC B 2 1  ? 4.911   18.971  -11.726 1.60 0.47 ? 16 DC B C2     1 
ATOM 489 O O2     . DC B 2 1  ? 6.096   18.927  -11.371 1.00 0.00 ? 16 DC B O2     1 
ATOM 490 N N3     . DC B 2 1  ? 3.923   19.425  -10.914 1.00 0.00 ? 16 DC B N3     1 
ATOM 491 C C4     . DC B 2 1  ? 2.654   19.457  -11.335 1.60 0.41 ? 16 DC B C4     1 
ATOM 492 N N4     . DC B 2 1  ? 1.726   19.909  -10.505 1.00 0.00 ? 16 DC B N4     1 
ATOM 493 C C5     . DC B 2 1  ? 2.289   19.018  -12.649 1.00 0.00 ? 16 DC B C5     1 
ATOM 494 C C6     . DC B 2 1  ? 3.290   18.567  -13.447 1.60 0.25 ? 16 DC B C6     1 
ATOM 495 H "H5'"  . DC B 2 1  ? 5.197   17.174  -18.127 1.20 0.05 ? 16 DC B "H5'"  1 
ATOM 496 H "H5''" . DC B 2 1  ? 4.379   18.549  -17.343 1.20 0.05 ? 16 DC B "H5''" 1 
ATOM 497 H "H4'"  . DC B 2 1  ? 6.840   18.084  -16.689 1.20 0.06 ? 16 DC B "H4'"  1 
ATOM 498 H "H3'"  . DC B 2 1  ? 5.952   15.533  -16.042 1.20 0.06 ? 16 DC B "H3'"  1 
ATOM 499 H "H2'"  . DC B 2 1  ? 4.618   16.160  -14.216 1.20 0.05 ? 16 DC B "H2'"  1 
ATOM 500 H "H2''" . DC B 2 1  ? 6.245   16.082  -13.353 1.20 0.05 ? 16 DC B "H2''" 1 
ATOM 501 H "H1'"  . DC B 2 1  ? 6.638   18.316  -13.444 1.20 0.06 ? 16 DC B "H1'"  1 
ATOM 502 H H41    . DC B 2 1  ? 1.988   20.221  -9.570  1.20 0.29 ? 16 DC B H41    1 
ATOM 503 H H42    . DC B 2 1  ? 0.751   19.944  -10.800 1.20 0.29 ? 16 DC B H42    1 
ATOM 504 H H5     . DC B 2 1  ? 1.255   19.043  -12.994 1.20 0.06 ? 16 DC B H5     1 
ATOM 505 H H6     . DC B 2 1  ? 3.060   18.223  -14.455 1.20 0.06 ? 16 DC B H6     1 
ATOM 506 P P      . DT B 2 2  ? 8.403   14.911  -14.858 1.90 0.46 ? 17 DT B P      1 
ATOM 507 O OP1    . DT B 2 2  ? 9.434   14.493  -15.831 1.00 0.00 ? 17 DT B OP1    1 
ATOM 508 O OP2    . DT B 2 2  ? 7.330   13.927  -14.584 1.00 0.00 ? 17 DT B OP2    1 
ATOM 509 O "O5'"  . DT B 2 2  ? 9.102   15.336  -13.483 1.00 0.00 ? 17 DT B "O5'"  1 
ATOM 510 C "C5'"  . DT B 2 2  ? 10.165  16.335  -13.501 1.00 0.00 ? 17 DT B "C5'"  1 
ATOM 511 C "C4'"  . DT B 2 2  ? 10.646  16.602  -12.088 1.60 0.13 ? 17 DT B "C4'"  1 
ATOM 512 O "O4'"  . DT B 2 2  ? 9.594   17.249  -11.321 1.00 0.00 ? 17 DT B "O4'"  1 
ATOM 513 C "C3'"  . DT B 2 2  ? 11.110  15.367  -11.316 1.60 0.05 ? 17 DT B "C3'"  1 
ATOM 514 O "O3'"  . DT B 2 2  ? 12.308  15.654  -10.604 1.00 0.00 ? 17 DT B "O3'"  1 
ATOM 515 C "C2'"  . DT B 2 2  ? 9.943   15.109  -10.364 1.00 0.00 ? 17 DT B "C2'"  1 
ATOM 516 C "C1'"  . DT B 2 2  ? 9.368   16.503  -10.134 1.60 0.29 ? 17 DT B "C1'"  1 
ATOM 517 N N1     . DT B 2 2  ? 7.921   16.498  -9.779  1.00 0.00 ? 17 DT B N1     1 
ATOM 518 C C2     . DT B 2 2  ? 7.556   17.166  -8.634  1.60 0.52 ? 17 DT B C2     1 
ATOM 519 O O2     . DT B 2 2  ? 8.358   17.745  -7.921  1.00 0.00 ? 17 DT B O2     1 
ATOM 520 N N3     . DT B 2 2  ? 6.208   17.140  -8.337  1.00 0.00 ? 17 DT B N3     1 
ATOM 521 C C4     . DT B 2 2  ? 5.220   16.517  -9.070  1.60 0.43 ? 17 DT B C4     1 
ATOM 522 O O4     . DT B 2 2  ? 4.043   16.562  -8.703  1.00 0.00 ? 17 DT B O4     1 
ATOM 523 C C5     . DT B 2 2  ? 5.699   15.843  -10.254 1.00 0.00 ? 17 DT B C5     1 
ATOM 524 C C7     . DT B 2 2  ? 4.689   15.140  -11.110 1.00 0.00 ? 17 DT B C7     1 
ATOM 525 C C6     . DT B 2 2  ? 7.006   15.853  -10.568 1.60 0.08 ? 17 DT B C6     1 
ATOM 526 H "H5'"  . DT B 2 2  ? 9.787   17.260  -13.936 1.20 0.07 ? 17 DT B "H5'"  1 
ATOM 527 H "H5''" . DT B 2 2  ? 10.990  15.955  -14.103 1.20 0.07 ? 17 DT B "H5''" 1 
ATOM 528 H "H4'"  . DT B 2 2  ? 11.458  17.329  -12.112 1.20 0.06 ? 17 DT B "H4'"  1 
ATOM 529 H "H3'"  . DT B 2 2  ? 11.253  14.541  -12.013 1.20 0.06 ? 17 DT B "H3'"  1 
ATOM 530 H "H2'"  . DT B 2 2  ? 9.234   14.436  -10.843 1.20 0.05 ? 17 DT B "H2'"  1 
ATOM 531 H "H2''" . DT B 2 2  ? 10.333  14.773  -9.403  1.20 0.05 ? 17 DT B "H2''" 1 
ATOM 532 H "H1'"  . DT B 2 2  ? 9.933   17.003  -9.349  1.20 0.06 ? 17 DT B "H1'"  1 
ATOM 533 H H3     . DT B 2 2  ? 5.915   17.629  -7.490  1.20 0.29 ? 17 DT B H3     1 
ATOM 534 H H71    . DT B 2 2  ? 5.202   14.568  -11.883 1.20 0.05 ? 17 DT B H71    1 
ATOM 535 H H72    . DT B 2 2  ? 4.096   14.464  -10.493 1.20 0.05 ? 17 DT B H72    1 
ATOM 536 H H73    . DT B 2 2  ? 4.034   15.875  -11.577 1.20 0.05 ? 17 DT B H73    1 
ATOM 537 H H6     . DT B 2 2  ? 7.343   15.337  -11.466 1.20 0.06 ? 17 DT B H6     1 
ATOM 538 P P      . DG B 2 3  ? 13.128  14.450  -9.941  1.90 0.46 ? 18 DG B P      1 
ATOM 539 O OP1    . DG B 2 3  ? 14.566  14.792  -9.899  1.00 0.00 ? 18 DG B OP1    1 
ATOM 540 O OP2    . DG B 2 3  ? 12.780  13.182  -10.620 1.00 0.00 ? 18 DG B OP2    1 
ATOM 541 O "O5'"  . DG B 2 3  ? 12.534  14.443  -8.456  1.00 0.00 ? 18 DG B "O5'"  1 
ATOM 542 C "C5'"  . DG B 2 3  ? 12.812  15.567  -7.572  1.00 0.00 ? 18 DG B "C5'"  1 
ATOM 543 C "C4'"  . DG B 2 3  ? 12.164  15.343  -6.221  1.60 0.13 ? 18 DG B "C4'"  1 
ATOM 544 O "O4'"  . DG B 2 3  ? 10.712  15.522  -6.318  1.00 0.00 ? 18 DG B "O4'"  1 
ATOM 545 C "C3'"  . DG B 2 3  ? 12.401  13.967  -5.598  1.60 0.05 ? 18 DG B "C3'"  1 
ATOM 546 O "O3'"  . DG B 2 3  ? 12.638  14.093  -4.200  1.00 0.00 ? 18 DG B "O3'"  1 
ATOM 547 C "C2'"  . DG B 2 3  ? 11.081  13.251  -5.879  1.00 0.00 ? 18 DG B "C2'"  1 
ATOM 548 C "C1'"  . DG B 2 3  ? 10.080  14.392  -5.738  1.60 0.29 ? 18 DG B "C1'"  1 
ATOM 549 N N9     . DG B 2 3  ? 8.760   14.123  -6.377  1.00 0.00 ? 18 DG B N9     1 
ATOM 550 C C8     . DG B 2 3  ? 8.479   13.444  -7.542  1.60 0.23 ? 18 DG B C8     1 
ATOM 551 N N7     . DG B 2 3  ? 7.202   13.382  -7.830  1.00 0.00 ? 18 DG B N7     1 
ATOM 552 C C5     . DG B 2 3  ? 6.594   14.070  -6.780  1.00 0.00 ? 18 DG B C5     1 
ATOM 553 C C6     . DG B 2 3  ? 5.222   14.338  -6.538  1.60 0.43 ? 18 DG B C6     1 
ATOM 554 O O6     . DG B 2 3  ? 4.244   14.019  -7.209  1.00 0.00 ? 18 DG B O6     1 
ATOM 555 N N1     . DG B 2 3  ? 5.045   15.069  -5.355  1.00 0.00 ? 18 DG B N1     1 
ATOM 556 C C2     . DG B 2 3  ? 6.060   15.486  -4.516  1.60 0.50 ? 18 DG B C2     1 
ATOM 557 N N2     . DG B 2 3  ? 5.683   16.173  -3.435  1.00 0.00 ? 18 DG B N2     1 
ATOM 558 N N3     . DG B 2 3  ? 7.347   15.234  -4.746  1.00 0.00 ? 18 DG B N3     1 
ATOM 559 C C4     . DG B 2 3  ? 7.536   14.525  -5.889  1.60 0.23 ? 18 DG B C4     1 
ATOM 560 H "H5'"  . DG B 2 3  ? 12.410  16.474  -8.022  1.20 0.07 ? 18 DG B "H5'"  1 
ATOM 561 H "H5''" . DG B 2 3  ? 13.891  15.665  -7.450  1.20 0.07 ? 18 DG B "H5''" 1 
ATOM 562 H "H4'"  . DG B 2 3  ? 12.498  16.114  -5.526  1.20 0.06 ? 18 DG B "H4'"  1 
ATOM 563 H "H3'"  . DG B 2 3  ? 13.239  13.484  -6.099  1.20 0.06 ? 18 DG B "H3'"  1 
ATOM 564 H "H2'"  . DG B 2 3  ? 11.105  12.825  -6.881  1.20 0.05 ? 18 DG B "H2'"  1 
ATOM 565 H "H2''" . DG B 2 3  ? 10.873  12.544  -5.074  1.20 0.05 ? 18 DG B "H2''" 1 
ATOM 566 H "H1'"  . DG B 2 3  ? 9.932   14.624  -4.684  1.20 0.06 ? 18 DG B "H1'"  1 
ATOM 567 H H8     . DG B 2 3  ? 9.251   12.996  -8.169  1.20 0.07 ? 18 DG B H8     1 
ATOM 568 H H1     . DG B 2 3  ? 4.090   15.313  -5.092  1.20 0.29 ? 18 DG B H1     1 
ATOM 569 H H21    . DG B 2 3  ? 4.694   16.360  -3.270  1.20 0.30 ? 18 DG B H21    1 
ATOM 570 H H22    . DG B 2 3  ? 6.383   16.509  -2.775  1.20 0.30 ? 18 DG B H22    1 
ATOM 571 P P      . DA B 2 4  ? 13.101  12.806  -3.369  1.90 0.46 ? 19 DA B P      1 
ATOM 572 O OP1    . DA B 2 4  ? 14.384  13.089  -2.690  1.00 0.00 ? 19 DA B OP1    1 
ATOM 573 O OP2    . DA B 2 4  ? 13.080  11.615  -4.248  1.00 0.00 ? 19 DA B OP2    1 
ATOM 574 O "O5'"  . DA B 2 4  ? 11.931  12.693  -2.285  1.00 0.00 ? 19 DA B "O5'"  1 
ATOM 575 C "C5'"  . DA B 2 4  ? 11.691  13.810  -1.378  1.00 0.00 ? 19 DA B "C5'"  1 
ATOM 576 C "C4'"  . DA B 2 4  ? 10.432  13.564  -0.571  1.60 0.13 ? 19 DA B "C4'"  1 
ATOM 577 O "O4'"  . DA B 2 4  ? 9.240   13.668  -1.440  1.00 0.00 ? 19 DA B "O4'"  1 
ATOM 578 C "C3'"  . DA B 2 4  ? 10.361  12.209  0.135   1.60 0.05 ? 19 DA B "C3'"  1 
ATOM 579 O "O3'"  . DA B 2 4  ? 9.753   12.340  1.415   1.00 0.00 ? 19 DA B "O3'"  1 
ATOM 580 C "C2'"  . DA B 2 4  ? 9.479   11.427  -0.837  1.00 0.00 ? 19 DA B "C2'"  1 
ATOM 581 C "C1'"  . DA B 2 4  ? 8.469   12.489  -1.259  1.60 0.29 ? 19 DA B "C1'"  1 
ATOM 582 N N9     . DA B 2 4  ? 7.699   12.145  -2.487  1.00 0.00 ? 19 DA B N9     1 
ATOM 583 C C8     . DA B 2 4  ? 8.145   11.584  -3.662  1.60 0.26 ? 19 DA B C8     1 
ATOM 584 N N7     . DA B 2 4  ? 7.215   11.409  -4.549  1.00 0.00 ? 19 DA B N7     1 
ATOM 585 C C5     . DA B 2 4  ? 6.068   11.885  -3.929  1.60 0.03 ? 19 DA B C5     1 
ATOM 586 C C6     . DA B 2 4  ? 4.732   11.977  -4.352  1.60 0.36 ? 19 DA B C6     1 
ATOM 587 N N6     . DA B 2 4  ? 4.308   11.574  -5.559  1.00 0.00 ? 19 DA B N6     1 
ATOM 588 N N1     . DA B 2 4  ? 3.843   12.501  -3.487  1.00 0.00 ? 19 DA B N1     1 
ATOM 589 C C2     . DA B 2 4  ? 4.270   12.900  -2.290  1.60 0.25 ? 19 DA B C2     1 
ATOM 590 N N3     . DA B 2 4  ? 5.484   12.863  -1.787  1.00 0.00 ? 19 DA B N3     1 
ATOM 591 C C4     . DA B 2 4  ? 6.355   12.335  -2.673  1.60 0.23 ? 19 DA B C4     1 
ATOM 592 H "H5'"  . DA B 2 4  ? 11.573  14.723  -1.962  1.20 0.07 ? 19 DA B "H5'"  1 
ATOM 593 H "H5''" . DA B 2 4  ? 12.543  13.912  -0.706  1.20 0.07 ? 19 DA B "H5''" 1 
ATOM 594 H "H4'"  . DA B 2 4  ? 10.311  14.356  0.167   1.20 0.06 ? 19 DA B "H4'"  1 
ATOM 595 H "H3'"  . DA B 2 4  ? 11.362  11.784  0.215   1.20 0.06 ? 19 DA B "H3'"  1 
ATOM 596 H "H2'"  . DA B 2 4  ? 10.086  11.064  -1.666  1.20 0.05 ? 19 DA B "H2'"  1 
ATOM 597 H "H2''" . DA B 2 4  ? 8.925   10.663  -0.291  1.20 0.05 ? 19 DA B "H2''" 1 
ATOM 598 H "H1'"  . DA B 2 4  ? 7.778   12.689  -0.440  1.20 0.06 ? 19 DA B "H1'"  1 
ATOM 599 H H8     . DA B 2 4  ? 9.186   11.311  -3.830  1.20 0.07 ? 19 DA B H8     1 
ATOM 600 H H61    . DA B 2 4  ? 3.323   11.666  -5.811  1.20 0.29 ? 19 DA B H61    1 
ATOM 601 H H62    . DA B 2 4  ? 4.970   11.176  -6.224  1.20 0.29 ? 19 DA B H62    1 
ATOM 602 H H2     . DA B 2 4  ? 3.505   13.315  -1.635  1.20 0.07 ? 19 DA B H2     1 
ATOM 603 P P      . DC B 2 5  ? 9.682   11.065  2.378   1.90 0.46 ? 20 DC B P      1 
ATOM 604 O OP1    . DC B 2 5  ? 10.136  11.440  3.735   1.00 0.00 ? 20 DC B OP1    1 
ATOM 605 O OP2    . DC B 2 5  ? 10.388  9.926   1.747   1.00 0.00 ? 20 DC B OP2    1 
ATOM 606 O "O5'"  . DC B 2 5  ? 8.108   10.772  2.400   1.00 0.00 ? 20 DC B "O5'"  1 
ATOM 607 C "C5'"  . DC B 2 5  ? 7.214   11.752  3.005   1.00 0.00 ? 20 DC B "C5'"  1 
ATOM 608 C "C4'"  . DC B 2 5  ? 5.769   11.378  2.744   1.60 0.13 ? 20 DC B "C4'"  1 
ATOM 609 O "O4'"  . DC B 2 5  ? 5.510   11.317  1.297   1.00 0.00 ? 20 DC B "O4'"  1 
ATOM 610 C "C3'"  . DC B 2 5  ? 5.319   10.039  3.327   1.60 0.05 ? 20 DC B "C3'"  1 
ATOM 611 O "O3'"  . DC B 2 5  ? 4.037   10.169  3.933   1.00 0.00 ? 20 DC B "O3'"  1 
ATOM 612 C "C2'"  . DC B 2 5  ? 5.266   9.148   2.088   1.00 0.00 ? 20 DC B "C2'"  1 
ATOM 613 C "C1'"  . DC B 2 5  ? 4.759   10.140  1.046   1.60 0.29 ? 20 DC B "C1'"  1 
ATOM 614 N N1     . DC B 2 5  ? 4.907   9.681   -0.363  1.00 0.00 ? 20 DC B N1     1 
ATOM 615 C C2     . DC B 2 5  ? 3.751   9.556   -1.130  1.60 0.47 ? 20 DC B C2     1 
ATOM 616 O O2     . DC B 2 5  ? 2.661   9.828   -0.614  1.00 0.00 ? 20 DC B O2     1 
ATOM 617 N N3     . DC B 2 5  ? 3.866   9.139   -2.417  1.00 0.00 ? 20 DC B N3     1 
ATOM 618 C C4     . DC B 2 5  ? 5.065   8.854   -2.939  1.60 0.41 ? 20 DC B C4     1 
ATOM 619 N N4     . DC B 2 5  ? 5.124   8.452   -4.199  1.00 0.00 ? 20 DC B N4     1 
ATOM 620 C C5     . DC B 2 5  ? 6.266   8.977   -2.167  1.00 0.00 ? 20 DC B C5     1 
ATOM 621 C C6     . DC B 2 5  ? 6.132   9.395   -0.883  1.60 0.25 ? 20 DC B C6     1 
ATOM 622 H "H5'"  . DC B 2 5  ? 7.421   12.729  2.569   1.20 0.07 ? 20 DC B "H5'"  1 
ATOM 623 H "H5''" . DC B 2 5  ? 7.397   11.784  4.079   1.20 0.07 ? 20 DC B "H5''" 1 
ATOM 624 H "H4'"  . DC B 2 5  ? 5.116   12.168  3.116   1.20 0.06 ? 20 DC B "H4'"  1 
ATOM 625 H "H3'"  . DC B 2 5  ? 6.062   9.690   4.046   1.20 0.06 ? 20 DC B "H3'"  1 
ATOM 626 H "H2'"  . DC B 2 5  ? 6.262   8.766   1.867   1.20 0.05 ? 20 DC B "H2'"  1 
ATOM 627 H "H2''" . DC B 2 5  ? 4.490   8.392   2.213   1.20 0.05 ? 20 DC B "H2''" 1 
ATOM 628 H "H1'"  . DC B 2 5  ? 3.714   10.383  1.241   1.20 0.06 ? 20 DC B "H1'"  1 
ATOM 629 H H41    . DC B 2 5  ? 4.268   8.365   -4.746  1.20 0.29 ? 20 DC B H41    1 
ATOM 630 H H42    . DC B 2 5  ? 6.024   8.228   -4.621  1.20 0.29 ? 20 DC B H42    1 
ATOM 631 H H5     . DC B 2 5  ? 7.244   8.745   -2.590  1.20 0.06 ? 20 DC B H5     1 
ATOM 632 H H6     . DC B 2 5  ? 7.018   9.502   -0.257  1.20 0.06 ? 20 DC B H6     1 
ATOM 633 P P      . DC B 2 6  ? 3.455   8.952   4.794   1.90 0.46 ? 21 DC B P      1 
ATOM 634 O OP1    . DC B 2 6  ? 3.162   9.411   6.169   1.00 0.00 ? 21 DC B OP1    1 
ATOM 635 O OP2    . DC B 2 6  ? 4.359   7.785   4.676   1.00 0.00 ? 21 DC B OP2    1 
ATOM 636 O "O5'"  . DC B 2 6  ? 2.086   8.648   4.025   1.00 0.00 ? 21 DC B "O5'"  1 
ATOM 637 C "C5'"  . DC B 2 6  ? 1.037   9.667   3.999   1.00 0.00 ? 21 DC B "C5'"  1 
ATOM 638 C "C4'"  . DC B 2 6  ? -0.143  9.184   3.180   1.60 0.13 ? 21 DC B "C4'"  1 
ATOM 639 O "O4'"  . DC B 2 6  ? 0.265   8.952   1.798   1.00 0.00 ? 21 DC B "O4'"  1 
ATOM 640 C "C3'"  . DC B 2 6  ? -0.808  7.903   3.684   1.60 0.05 ? 21 DC B "C3'"  1 
ATOM 641 O "O3'"  . DC B 2 6  ? -2.223  8.008   3.582   1.00 0.00 ? 21 DC B "O3'"  1 
ATOM 642 C "C2'"  . DC B 2 6  ? -0.255  6.848   2.727   1.00 0.00 ? 21 DC B "C2'"  1 
ATOM 643 C "C1'"  . DC B 2 6  ? -0.114  7.636   1.428   1.60 0.29 ? 21 DC B "C1'"  1 
ATOM 644 N N1     . DC B 2 6  ? 0.863   7.045   0.472   1.00 0.00 ? 21 DC B N1     1 
ATOM 645 C C2     . DC B 2 6  ? 0.359   6.372   -0.638  1.60 0.47 ? 21 DC B C2     1 
ATOM 646 O O2     . DC B 2 6  ? -0.867  6.293   -0.783  1.00 0.00 ? 21 DC B O2     1 
ATOM 647 N N3     . DC B 2 6  ? 1.234   5.827   -1.522  1.00 0.00 ? 21 DC B N3     1 
ATOM 648 C C4     . DC B 2 6  ? 2.554   5.934   -1.330  1.60 0.41 ? 21 DC B C4     1 
ATOM 649 N N4     . DC B 2 6  ? 3.366   5.386   -2.220  1.00 0.00 ? 21 DC B N4     1 
ATOM 650 C C5     . DC B 2 6  ? 3.094   6.623   -0.194  1.00 0.00 ? 21 DC B C5     1 
ATOM 651 C C6     . DC B 2 6  ? 2.203   7.161   0.677   1.60 0.25 ? 21 DC B C6     1 
ATOM 652 H "H5'"  . DC B 2 6  ? 1.438   10.578  3.555   1.20 0.07 ? 21 DC B "H5'"  1 
ATOM 653 H "H5''" . DC B 2 6  ? 0.717   9.867   5.022   1.20 0.07 ? 21 DC B "H5''" 1 
ATOM 654 H "H4'"  . DC B 2 6  ? -0.892  9.974   3.122   1.20 0.06 ? 21 DC B "H4'"  1 
ATOM 655 H "H3'"  . DC B 2 6  ? -0.499  7.717   4.713   1.20 0.06 ? 21 DC B "H3'"  1 
ATOM 656 H "H2'"  . DC B 2 6  ? 0.698   6.481   3.105   1.20 0.05 ? 21 DC B "H2'"  1 
ATOM 657 H "H2''" . DC B 2 6  ? -1.014  6.086   2.552   1.20 0.05 ? 21 DC B "H2''" 1 
ATOM 658 H "H1'"  . DC B 2 6  ? -1.089  7.721   0.946   1.20 0.06 ? 21 DC B "H1'"  1 
ATOM 659 H H41    . DC B 2 6  ? 2.980   4.896   -3.028  1.20 0.29 ? 21 DC B H41    1 
ATOM 660 H H42    . DC B 2 6  ? 4.376   5.452   -2.099  1.20 0.29 ? 21 DC B H42    1 
ATOM 661 H H5     . DC B 2 6  ? 4.168   6.711   -0.037  1.20 0.06 ? 21 DC B H5     1 
ATOM 662 H H6     . DC B 2 6  ? 2.567   7.693   1.555   1.20 0.06 ? 21 DC B H6     1 
ATOM 663 P P      . DT B 2 7  ? -3.140  6.895   4.274   1.90 0.46 ? 22 DT B P      1 
ATOM 664 O OP1    . DT B 2 7  ? -4.117  7.544   5.174   1.00 0.00 ? 22 DT B OP1    1 
ATOM 665 O OP2    . DT B 2 7  ? -2.281  5.856   4.887   1.00 0.00 ? 22 DT B OP2    1 
ATOM 666 O "O5'"  . DT B 2 7  ? -3.901  6.281   3.008   1.00 0.00 ? 22 DT B "O5'"  1 
ATOM 667 C "C5'"  . DT B 2 7  ? -4.777  7.137   2.215   1.00 0.00 ? 22 DT B "C5'"  1 
ATOM 668 C "C4'"  . DT B 2 7  ? -5.448  6.328   1.122   1.60 0.13 ? 22 DT B "C4'"  1 
ATOM 669 O "O4'"  . DT B 2 7  ? -4.452  5.860   0.152   1.00 0.00 ? 22 DT B "O4'"  1 
ATOM 670 C "C3'"  . DT B 2 7  ? -6.219  5.096   1.594   1.60 0.05 ? 22 DT B "C3'"  1 
ATOM 671 O "O3'"  . DT B 2 7  ? -7.388  4.910   0.803   1.00 0.00 ? 22 DT B "O3'"  1 
ATOM 672 C "C2'"  . DT B 2 7  ? -5.201  3.981   1.364   1.00 0.00 ? 22 DT B "C2'"  1 
ATOM 673 C "C1'"  . DT B 2 7  ? -4.519  4.444   0.080   1.60 0.29 ? 22 DT B "C1'"  1 
ATOM 674 N N1     . DT B 2 7  ? -3.168  3.855   -0.129  1.00 0.00 ? 22 DT B N1     1 
ATOM 675 C C2     . DT B 2 7  ? -2.928  3.257   -1.342  1.60 0.52 ? 22 DT B C2     1 
ATOM 676 O O2     . DT B 2 7  ? -3.762  3.195   -2.227  1.00 0.00 ? 22 DT B O2     1 
ATOM 677 N N3     . DT B 2 7  ? -1.664  2.721   -1.500  1.00 0.00 ? 22 DT B N3     1 
ATOM 678 C C4     . DT B 2 7  ? -0.647  2.734   -0.567  1.60 0.43 ? 22 DT B C4     1 
ATOM 679 O O4     . DT B 2 7  ? 0.445   2.222   -0.822  1.00 0.00 ? 22 DT B O4     1 
ATOM 680 C C5     . DT B 2 7  ? -0.994  3.384   0.675   1.00 0.00 ? 22 DT B C5     1 
ATOM 681 C C7     . DT B 2 7  ? 0.055   3.443   1.745   1.00 0.00 ? 22 DT B C7     1 
ATOM 682 C C6     . DT B 2 7  ? -2.215  3.914   0.855   1.60 0.08 ? 22 DT B C6     1 
ATOM 683 H "H5'"  . DT B 2 7  ? -4.179  7.930   1.765   1.20 0.07 ? 22 DT B "H5'"  1 
ATOM 684 H "H5''" . DT B 2 7  ? -5.534  7.573   2.865   1.20 0.07 ? 22 DT B "H5''" 1 
ATOM 685 H "H4'"  . DT B 2 7  ? -6.116  6.973   0.551   1.20 0.06 ? 22 DT B "H4'"  1 
ATOM 686 H "H3'"  . DT B 2 7  ? -6.469  5.208   2.650   1.20 0.06 ? 22 DT B "H3'"  1 
ATOM 687 H "H2'"  . DT B 2 7  ? -4.519  3.931   2.213   1.20 0.05 ? 22 DT B "H2'"  1 
ATOM 688 H "H2''" . DT B 2 7  ? -5.724  3.055   1.127   1.20 0.05 ? 22 DT B "H2''" 1 
ATOM 689 H "H1'"  . DT B 2 7  ? -5.154  4.210   -0.775  1.20 0.06 ? 22 DT B "H1'"  1 
ATOM 690 H H3     . DT B 2 7  ? -1.463  2.271   -2.393  1.20 0.29 ? 22 DT B H3     1 
ATOM 691 H H71    . DT B 2 7  ? -0.391  3.807   2.671   1.20 0.05 ? 22 DT B H71    1 
ATOM 692 H H72    . DT B 2 7  ? 0.466   2.447   1.907   1.20 0.05 ? 22 DT B H72    1 
ATOM 693 H H73    . DT B 2 7  ? 0.852   4.120   1.435   1.20 0.05 ? 22 DT B H73    1 
ATOM 694 H H6     . DT B 2 7  ? -2.453  4.399   1.801   1.20 0.06 ? 22 DT B H6     1 
ATOM 695 P P      . DA B 2 8  ? -8.401  3.728   1.177   1.90 0.46 ? 23 DA B P      1 
ATOM 696 O OP1    . DA B 2 8  ? -9.792  4.177   0.952   1.00 0.00 ? 23 DA B OP1    1 
ATOM 697 O OP2    . DA B 2 8  ? -8.091  3.220   2.533   1.00 0.00 ? 23 DA B OP2    1 
ATOM 698 O "O5'"  . DA B 2 8  ? -8.010  2.622   0.090   1.00 0.00 ? 23 DA B "O5'"  1 
ATOM 699 C "C5'"  . DA B 2 8  ? -8.312  2.866   -1.321  1.00 0.00 ? 23 DA B "C5'"  1 
ATOM 700 C "C4'"  . DA B 2 8  ? -8.136  1.594   -2.125  1.60 0.13 ? 23 DA B "C4'"  1 
ATOM 701 O "O4'"  . DA B 2 8  ? -6.707  1.335   -2.359  1.00 0.00 ? 23 DA B "O4'"  1 
ATOM 702 C "C3'"  . DA B 2 8  ? -8.728  0.334   -1.494  1.60 0.05 ? 23 DA B "C3'"  1 
ATOM 703 O "O3'"  . DA B 2 8  ? -9.433  -0.423  -2.473  1.00 0.00 ? 23 DA B "O3'"  1 
ATOM 704 C "C2'"  . DA B 2 8  ? -7.486  -0.409  -1.005  1.00 0.00 ? 23 DA B "C2'"  1 
ATOM 705 C "C1'"  . DA B 2 8  ? -6.414  -0.010  -2.013  1.60 0.29 ? 23 DA B "C1'"  1 
ATOM 706 N N9     . DA B 2 8  ? -5.020  -0.147  -1.504  1.00 0.00 ? 23 DA B N9     1 
ATOM 707 C C8     . DA B 2 8  ? -4.512  0.182   -0.267  1.60 0.26 ? 23 DA B C8     1 
ATOM 708 N N7     . DA B 2 8  ? -3.246  -0.062  -0.136  1.00 0.00 ? 23 DA B N7     1 
ATOM 709 C C5     . DA B 2 8  ? -2.878  -0.592  -1.365  1.60 0.03 ? 23 DA B C5     1 
ATOM 710 C C6     . DA B 2 8  ? -1.652  -1.055  -1.867  1.60 0.36 ? 23 DA B C6     1 
ATOM 711 N N6     . DA B 2 8  ? -0.514  -1.062  -1.157  1.00 0.00 ? 23 DA B N6     1 
ATOM 712 N N1     . DA B 2 8  ? -1.635  -1.517  -3.132  1.00 0.00 ? 23 DA B N1     1 
ATOM 713 C C2     . DA B 2 8  ? -2.768  -1.509  -3.834  1.60 0.25 ? 23 DA B C2     1 
ATOM 714 N N3     . DA B 2 8  ? -3.964  -1.102  -3.473  1.00 0.00 ? 23 DA B N3     1 
ATOM 715 C C4     . DA B 2 8  ? -3.954  -0.646  -2.204  1.60 0.23 ? 23 DA B C4     1 
ATOM 716 H "H5'"  . DA B 2 8  ? -7.634  3.631   -1.700  1.20 0.07 ? 23 DA B "H5'"  1 
ATOM 717 H "H5''" . DA B 2 8  ? -9.341  3.213   -1.405  1.20 0.07 ? 23 DA B "H5''" 1 
ATOM 718 H "H4'"  . DA B 2 8  ? -8.562  1.729   -3.119  1.20 0.06 ? 23 DA B "H4'"  1 
ATOM 719 H "H3'"  . DA B 2 8  ? -9.381  0.617   -0.668  1.20 0.06 ? 23 DA B "H3'"  1 
ATOM 720 H "H2'"  . DA B 2 8  ? -7.252  -0.081  0.008   1.20 0.05 ? 23 DA B "H2'"  1 
ATOM 721 H "H2''" . DA B 2 8  ? -7.640  -1.482  -1.125  1.20 0.05 ? 23 DA B "H2''" 1 
ATOM 722 H "H1'"  . DA B 2 8  ? -6.528  -0.597  -2.924  1.20 0.06 ? 23 DA B "H1'"  1 
ATOM 723 H H8     . DA B 2 8  ? -5.122  0.611   0.528   1.20 0.07 ? 23 DA B H8     1 
ATOM 724 H H61    . DA B 2 8  ? 0.348   -1.411  -1.576  1.20 0.29 ? 23 DA B H61    1 
ATOM 725 H H62    . DA B 2 8  ? -0.511  -0.715  -0.198  1.20 0.29 ? 23 DA B H62    1 
ATOM 726 H H2     . DA B 2 8  ? -2.690  -1.895  -4.850  1.20 0.07 ? 23 DA B H2     1 
ATOM 727 P P      . DC B 2 9  ? -10.254 -1.717  -2.016  1.90 0.46 ? 24 DC B P      1 
ATOM 728 O OP1    . DC B 2 9  ? -11.532 -1.783  -2.755  1.00 0.00 ? 24 DC B OP1    1 
ATOM 729 O OP2    . DC B 2 9  ? -10.354 -1.744  -0.538  1.00 0.00 ? 24 DC B OP2    1 
ATOM 730 O "O5'"  . DC B 2 9  ? -9.287  -2.894  -2.507  1.00 0.00 ? 24 DC B "O5'"  1 
ATOM 731 C "C5'"  . DC B 2 9  ? -9.063  -3.081  -3.935  1.00 0.00 ? 24 DC B "C5'"  1 
ATOM 732 C "C4'"  . DC B 2 9  ? -8.048  -4.181  -4.168  1.60 0.13 ? 24 DC B "C4'"  1 
ATOM 733 O "O4'"  . DC B 2 9  ? -6.724  -3.770  -3.670  1.00 0.00 ? 24 DC B "O4'"  1 
ATOM 734 C "C3'"  . DC B 2 9  ? -8.369  -5.523  -3.509  1.60 0.05 ? 24 DC B "C3'"  1 
ATOM 735 O "O3'"  . DC B 2 9  ? -8.108  -6.593  -4.411  1.00 0.00 ? 24 DC B "O3'"  1 
ATOM 736 C "C2'"  . DC B 2 9  ? -7.398  -5.533  -2.330  1.00 0.00 ? 24 DC B "C2'"  1 
ATOM 737 C "C1'"  . DC B 2 9  ? -6.178  -4.871  -2.961  1.60 0.29 ? 24 DC B "C1'"  1 
ATOM 738 N N1     . DC B 2 9  ? -5.136  -4.440  -1.987  1.00 0.00 ? 24 DC B N1     1 
ATOM 739 C C2     . DC B 2 9  ? -3.825  -4.850  -2.215  1.60 0.47 ? 24 DC B C2     1 
ATOM 740 O O2     . DC B 2 9  ? -3.583  -5.548  -3.207  1.00 0.00 ? 24 DC B O2     1 
ATOM 741 N N3     . DC B 2 9  ? -2.861  -4.468  -1.339  1.00 0.00 ? 24 DC B N3     1 
ATOM 742 C C4     . DC B 2 9  ? -3.165  -3.712  -0.277  1.60 0.41 ? 24 DC B C4     1 
ATOM 743 N N4     . DC B 2 9  ? -2.189  -3.366  0.549   1.00 0.00 ? 24 DC B N4     1 
ATOM 744 C C5     . DC B 2 9  ? -4.507  -3.280  -0.024  1.00 0.00 ? 24 DC B C5     1 
ATOM 745 C C6     . DC B 2 9  ? -5.456  -3.672  -0.911  1.60 0.25 ? 24 DC B C6     1 
ATOM 746 H "H5'"  . DC B 2 9  ? -8.689  -2.147  -4.355  1.20 0.07 ? 24 DC B "H5'"  1 
ATOM 747 H "H5''" . DC B 2 9  ? -10.008 -3.344  -4.413  1.20 0.07 ? 24 DC B "H5''" 1 
ATOM 748 H "H4'"  . DC B 2 9  ? -7.913  -4.330  -5.240  1.20 0.06 ? 24 DC B "H4'"  1 
ATOM 749 H "H3'"  . DC B 2 9  ? -9.408  -5.526  -3.181  1.20 0.06 ? 24 DC B "H3'"  1 
ATOM 750 H "H2'"  . DC B 2 9  ? -7.818  -4.960  -1.503  1.20 0.05 ? 24 DC B "H2'"  1 
ATOM 751 H "H2''" . DC B 2 9  ? -7.120  -6.560  -2.094  1.20 0.05 ? 24 DC B "H2''" 1 
ATOM 752 H "H1'"  . DC B 2 9  ? -5.731  -5.535  -3.700  1.20 0.06 ? 24 DC B "H1'"  1 
ATOM 753 H H41    . DC B 2 9  ? -1.234  -3.675  0.367   1.20 0.29 ? 24 DC B H41    1 
ATOM 754 H H42    . DC B 2 9  ? -2.392  -2.791  1.365   1.20 0.29 ? 24 DC B H42    1 
ATOM 755 H H5     . DC B 2 9  ? -4.755  -2.665  0.841   1.20 0.06 ? 24 DC B H5     1 
ATOM 756 H H6     . DC B 2 9  ? -6.492  -3.367  -0.758  1.20 0.06 ? 24 DC B H6     1 
ATOM 757 P P      . DA B 2 10 ? -8.716  -8.040  -4.099  1.90 0.46 ? 25 DA B P      1 
ATOM 758 O OP1    . DA B 2 10 ? -9.829  -8.324  -5.031  1.00 0.00 ? 25 DA B OP1    1 
ATOM 759 O OP2    . DA B 2 10 ? -9.033  -8.143  -2.656  1.00 0.00 ? 25 DA B OP2    1 
ATOM 760 O "O5'"  . DA B 2 10 ? -7.473  -8.986  -4.442  1.00 0.00 ? 25 DA B "O5'"  1 
ATOM 761 C "C5'"  . DA B 2 10 ? -6.968  -9.039  -5.807  1.00 0.00 ? 25 DA B "C5'"  1 
ATOM 762 C "C4'"  . DA B 2 10 ? -5.729  -9.910  -5.875  1.60 0.13 ? 25 DA B "C4'"  1 
ATOM 763 O "O4'"  . DA B 2 10 ? -4.639  -9.310  -5.101  1.00 0.00 ? 25 DA B "O4'"  1 
ATOM 764 C "C3'"  . DA B 2 10 ? -5.894  -11.336 -5.349  1.60 0.05 ? 25 DA B "C3'"  1 
ATOM 765 O "O3'"  . DA B 2 10 ? -5.055  -12.231 -6.072  1.00 0.00 ? 25 DA B "O3'"  1 
ATOM 766 C "C2'"  . DA B 2 10 ? -5.442  -11.191 -3.897  1.00 0.00 ? 25 DA B "C2'"  1 
ATOM 767 C "C1'"  . DA B 2 10 ? -4.367  -10.111 -3.961  1.60 0.29 ? 25 DA B "C1'"  1 
ATOM 768 N N9     . DA B 2 10 ? -4.293  -9.273  -2.732  1.00 0.00 ? 25 DA B N9     1 
ATOM 769 C C8     . DA B 2 10 ? -5.316  -8.721  -1.996  1.60 0.26 ? 25 DA B C8     1 
ATOM 770 N N7     . DA B 2 10 ? -4.917  -8.037  -0.969  1.00 0.00 ? 25 DA B N7     1 
ATOM 771 C C5     . DA B 2 10 ? -3.534  -8.137  -1.017  1.60 0.03 ? 25 DA B C5     1 
ATOM 772 C C6     . DA B 2 10 ? -2.518  -7.622  -0.195  1.60 0.36 ? 25 DA B C6     1 
ATOM 773 N N6     . DA B 2 10 ? -2.752  -6.870  0.889   1.00 0.00 ? 25 DA B N6     1 
ATOM 774 N N1     . DA B 2 10 ? -1.246  -7.912  -0.529  1.00 0.00 ? 25 DA B N1     1 
ATOM 775 C C2     . DA B 2 10 ? -1.019  -8.661  -1.607  1.60 0.25 ? 25 DA B C2     1 
ATOM 776 N N3     . DA B 2 10 ? -1.880  -9.193  -2.444  1.00 0.00 ? 25 DA B N3     1 
ATOM 777 C C4     . DA B 2 10 ? -3.146  -8.888  -2.089  1.60 0.23 ? 25 DA B C4     1 
ATOM 778 H "H5'"  . DA B 2 10 ? -6.717  -8.027  -6.125  1.20 0.07 ? 25 DA B "H5'"  1 
ATOM 779 H "H5''" . DA B 2 10 ? -7.740  -9.448  -6.460  1.20 0.07 ? 25 DA B "H5''" 1 
ATOM 780 H "H4'"  . DA B 2 10 ? -5.365  -9.944  -6.901  1.20 0.06 ? 25 DA B "H4'"  1 
ATOM 781 H "H3'"  . DA B 2 10 ? -6.941  -11.631 -5.421  1.20 0.06 ? 25 DA B "H3'"  1 
ATOM 782 H "H2'"  . DA B 2 10 ? -6.296  -10.894 -3.288  1.20 0.05 ? 25 DA B "H2'"  1 
ATOM 783 H "H2''" . DA B 2 10 ? -4.940  -12.108 -3.586  1.20 0.05 ? 25 DA B "H2''" 1 
ATOM 784 H "H1'"  . DA B 2 10 ? -3.398  -10.577 -4.143  1.20 0.06 ? 25 DA B "H1'"  1 
ATOM 785 H H8     . DA B 2 10 ? -6.367  -8.847  -2.255  1.20 0.07 ? 25 DA B H8     1 
ATOM 786 H H61    . DA B 2 10 ? -1.974  -6.524  1.449   1.20 0.29 ? 25 DA B H61    1 
ATOM 787 H H62    . DA B 2 10 ? -3.711  -6.642  1.154   1.20 0.29 ? 25 DA B H62    1 
ATOM 788 H H2     . DA B 2 10 ? 0.030   -8.860  -1.824  1.20 0.07 ? 25 DA B H2     1 
ATOM 789 P P      . DT B 2 11 ? -5.139  -13.799 -5.762  1.90 0.46 ? 26 DT B P      1 
ATOM 790 O OP1    . DT B 2 11 ? -4.878  -14.563 -7.001  1.00 0.00 ? 26 DT B OP1    1 
ATOM 791 O OP2    . DT B 2 11 ? -6.412  -14.099 -5.068  1.00 0.00 ? 26 DT B OP2    1 
ATOM 792 O "O5'"  . DT B 2 11 ? -3.918  -13.986 -4.747  1.00 0.00 ? 26 DT B "O5'"  1 
ATOM 793 C "C5'"  . DT B 2 11 ? -2.563  -13.701 -5.205  1.00 0.00 ? 26 DT B "C5'"  1 
ATOM 794 C "C4'"  . DT B 2 11 ? -1.598  -13.726 -4.036  1.60 0.13 ? 26 DT B "C4'"  1 
ATOM 795 O "O4'"  . DT B 2 11 ? -1.892  -12.627 -3.113  1.00 0.00 ? 26 DT B "O4'"  1 
ATOM 796 C "C3'"  . DT B 2 11 ? -1.595  -15.016 -3.216  1.60 0.05 ? 26 DT B "C3'"  1 
ATOM 797 O "O3'"  . DT B 2 11 ? -0.313  -15.628 -3.275  1.00 0.00 ? 26 DT B "O3'"  1 
ATOM 798 C "C2'"  . DT B 2 11 ? -1.915  -14.539 -1.800  1.00 0.00 ? 26 DT B "C2'"  1 
ATOM 799 C "C1'"  . DT B 2 11 ? -1.519  -13.066 -1.815  1.60 0.29 ? 26 DT B "C1'"  1 
ATOM 800 N N1     . DT B 2 11 ? -2.160  -12.245 -0.749  1.00 0.00 ? 26 DT B N1     1 
ATOM 801 C C2     . DT B 2 11 ? -1.324  -11.611 0.138   1.60 0.52 ? 26 DT B C2     1 
ATOM 802 O O2     . DT B 2 11 ? -0.109  -11.698 0.083   1.00 0.00 ? 26 DT B O2     1 
ATOM 803 N N3     . DT B 2 11 ? -1.952  -10.859 1.112   1.00 0.00 ? 26 DT B N3     1 
ATOM 804 C C4     . DT B 2 11 ? -3.314  -10.693 1.266   1.60 0.43 ? 26 DT B C4     1 
ATOM 805 O O4     . DT B 2 11 ? -3.760  -9.994  2.177   1.00 0.00 ? 26 DT B O4     1 
ATOM 806 C C5     . DT B 2 11 ? -4.109  -11.397 0.286   1.00 0.00 ? 26 DT B C5     1 
ATOM 807 C C7     . DT B 2 11 ? -5.599  -11.271 0.382   1.00 0.00 ? 26 DT B C7     1 
ATOM 808 C C6     . DT B 2 11 ? -3.523  -12.135 -0.671  1.60 0.08 ? 26 DT B C6     1 
ATOM 809 H "H5'"  . DT B 2 11 ? -2.548  -12.715 -5.667  1.20 0.07 ? 26 DT B "H5'"  1 
ATOM 810 H "H5''" . DT B 2 11 ? -2.272  -14.454 -5.938  1.20 0.07 ? 26 DT B "H5''" 1 
ATOM 811 H "H4'"  . DT B 2 11 ? -0.587  -13.530 -4.395  1.20 0.06 ? 26 DT B "H4'"  1 
ATOM 812 H "H3'"  . DT B 2 11 ? -2.369  -15.681 -3.597  1.20 0.06 ? 26 DT B "H3'"  1 
ATOM 813 H "H2'"  . DT B 2 11 ? -2.978  -14.683 -1.609  1.20 0.05 ? 26 DT B "H2'"  1 
ATOM 814 H "H2''" . DT B 2 11 ? -1.242  -15.031 -1.098  1.20 0.05 ? 26 DT B "H2''" 1 
ATOM 815 H "H1'"  . DT B 2 11 ? -0.436  -12.969 -1.747  1.20 0.06 ? 26 DT B "H1'"  1 
ATOM 816 H H3     . DT B 2 11 ? -1.351  -10.380 1.782   1.20 0.29 ? 26 DT B H3     1 
ATOM 817 H H71    . DT B 2 11 ? -6.057  -11.680 -0.519  1.20 0.05 ? 26 DT B H71    1 
ATOM 818 H H72    . DT B 2 11 ? -5.956  -11.822 1.253   1.20 0.05 ? 26 DT B H72    1 
ATOM 819 H H73    . DT B 2 11 ? -5.870  -10.219 0.481   1.20 0.05 ? 26 DT B H73    1 
ATOM 820 H H6     . DT B 2 11 ? -4.144  -12.657 -1.399  1.20 0.06 ? 26 DT B H6     1 
ATOM 821 P P      . DT B 2 12 ? -0.136  -17.121 -2.726  1.90 0.46 ? 27 DT B P      1 
ATOM 822 O OP1    . DT B 2 12 ? 0.830   -17.852 -3.575  1.00 0.00 ? 27 DT B OP1    1 
ATOM 823 O OP2    . DT B 2 12 ? -1.466  -17.750 -2.564  1.00 0.00 ? 27 DT B OP2    1 
ATOM 824 O "O5'"  . DT B 2 12 ? 0.510   -16.854 -1.287  1.00 0.00 ? 27 DT B "O5'"  1 
ATOM 825 C "C5'"  . DT B 2 12 ? 1.838   -16.260 -1.198  1.00 0.00 ? 27 DT B "C5'"  1 
ATOM 826 C "C4'"  . DT B 2 12 ? 2.151   -15.902 0.241   1.60 0.13 ? 27 DT B "C4'"  1 
ATOM 827 O "O4'"  . DT B 2 12 ? 1.206   -14.886 0.728   1.00 0.00 ? 27 DT B "O4'"  1 
ATOM 828 C "C3'"  . DT B 2 12 ? 2.108   -17.065 1.231   1.60 0.05 ? 27 DT B "C3'"  1 
ATOM 829 O "O3'"  . DT B 2 12 ? 3.163   -16.954 2.180   1.00 0.00 ? 27 DT B "O3'"  1 
ATOM 830 C "C2'"  . DT B 2 12 ? 0.740   -16.855 1.880   1.00 0.00 ? 27 DT B "C2'"  1 
ATOM 831 C "C1'"  . DT B 2 12 ? 0.720   -15.333 1.985   1.60 0.29 ? 27 DT B "C1'"  1 
ATOM 832 N N1     . DT B 2 12 ? -0.621  -14.759 2.289   1.00 0.00 ? 27 DT B N1     1 
ATOM 833 C C2     . DT B 2 12 ? -0.671  -13.750 3.223   1.60 0.52 ? 27 DT B C2     1 
ATOM 834 O O2     . DT B 2 12 ? 0.318   -13.323 3.792   1.00 0.00 ? 27 DT B O2     1 
ATOM 835 N N3     . DT B 2 12 ? -1.929  -13.242 3.479   1.00 0.00 ? 27 DT B N3     1 
ATOM 836 C C4     . DT B 2 12 ? -3.111  -13.649 2.895   1.60 0.43 ? 27 DT B C4     1 
ATOM 837 O O4     . DT B 2 12 ? -4.180  -13.118 3.206   1.00 0.00 ? 27 DT B O4     1 
ATOM 838 C C5     . DT B 2 12 ? -2.958  -14.712 1.930   1.00 0.00 ? 27 DT B C5     1 
ATOM 839 C C7     . DT B 2 12 ? -4.194  -15.214 1.247   1.00 0.00 ? 27 DT B C7     1 
ATOM 840 C C6     . DT B 2 12 ? -1.745  -15.224 1.661   1.60 0.08 ? 27 DT B C6     1 
ATOM 841 H "H5'"  . DT B 2 12 ? 1.865   -15.359 -1.810  1.20 0.07 ? 27 DT B "H5'"  1 
ATOM 842 H "H5''" . DT B 2 12 ? 2.574   -16.974 -1.566  1.20 0.07 ? 27 DT B "H5''" 1 
ATOM 843 H "H4'"  . DT B 2 12 ? 3.130   -15.424 0.293   1.20 0.06 ? 27 DT B "H4'"  1 
ATOM 844 H "H3'"  . DT B 2 12 ? 2.162   -18.009 0.689   1.20 0.06 ? 27 DT B "H3'"  1 
ATOM 845 H "H2'"  . DT B 2 12 ? -0.041  -17.253 1.233   1.20 0.05 ? 27 DT B "H2'"  1 
ATOM 846 H "H2''" . DT B 2 12 ? 0.751   -17.246 2.897   1.20 0.05 ? 27 DT B "H2''" 1 
ATOM 847 H "H1'"  . DT B 2 12 ? 1.436   -15.002 2.737   1.20 0.06 ? 27 DT B "H1'"  1 
ATOM 848 H H3     . DT B 2 12 ? -1.991  -12.492 4.168   1.20 0.29 ? 27 DT B H3     1 
ATOM 849 H H71    . DT B 2 12 ? -3.921  -15.967 0.507   1.20 0.05 ? 27 DT B H71    1 
ATOM 850 H H72    . DT B 2 12 ? -4.862  -15.658 1.986   1.20 0.05 ? 27 DT B H72    1 
ATOM 851 H H73    . DT B 2 12 ? -4.699  -14.385 0.752   1.20 0.05 ? 27 DT B H73    1 
ATOM 852 H H6     . DT B 2 12 ? -1.654  -16.026 0.928   1.20 0.06 ? 27 DT B H6     1 
ATOM 853 P P      . DC B 2 13 ? 3.457   -18.179 3.166   1.90 0.46 ? 28 DC B P      1 
ATOM 854 O OP1    . DC B 2 13 ? 4.830   -18.680 2.941   1.00 0.00 ? 28 DC B OP1    1 
ATOM 855 O OP2    . DC B 2 13 ? 2.371   -19.178 3.052   1.00 0.00 ? 28 DC B OP2    1 
ATOM 856 O "O5'"  . DC B 2 13 ? 3.375   -17.460 4.594   1.00 0.00 ? 28 DC B "O5'"  1 
ATOM 857 C "C5'"  . DC B 2 13 ? 4.394   -16.484 4.964   1.00 0.00 ? 28 DC B "C5'"  1 
ATOM 858 C "C4'"  . DC B 2 13 ? 4.153   -15.981 6.373   1.60 0.13 ? 28 DC B "C4'"  1 
ATOM 859 O "O4'"  . DC B 2 13 ? 2.926   -15.176 6.424   1.00 0.00 ? 28 DC B "O4'"  1 
ATOM 860 C "C3'"  . DC B 2 13 ? 4.013   -17.065 7.443   1.60 0.05 ? 28 DC B "C3'"  1 
ATOM 861 O "O3'"  . DC B 2 13 ? 4.601   -16.635 8.666   1.00 0.00 ? 28 DC B "O3'"  1 
ATOM 862 C "C2'"  . DC B 2 13 ? 2.495   -17.188 7.560   1.00 0.00 ? 28 DC B "C2'"  1 
ATOM 863 C "C1'"  . DC B 2 13 ? 2.033   -15.748 7.367   1.60 0.29 ? 28 DC B "C1'"  1 
ATOM 864 N N1     . DC B 2 13 ? 0.619   -15.623 6.915   1.00 0.00 ? 28 DC B N1     1 
ATOM 865 C C2     . DC B 2 13 ? -0.255  -14.889 7.714   1.60 0.47 ? 28 DC B C2     1 
ATOM 866 O O2     . DC B 2 13 ? 0.175   -14.378 8.755   1.00 0.00 ? 28 DC B O2     1 
ATOM 867 N N3     . DC B 2 13 ? -1.548  -14.764 7.320   1.00 0.00 ? 28 DC B N3     1 
ATOM 868 C C4     . DC B 2 13 ? -1.974  -15.334 6.186   1.60 0.41 ? 28 DC B C4     1 
ATOM 869 N N4     . DC B 2 13 ? -3.244  -15.181 5.844   1.00 0.00 ? 28 DC B N4     1 
ATOM 870 C C5     . DC B 2 13 ? -1.090  -16.092 5.350   1.00 0.00 ? 28 DC B C5     1 
ATOM 871 C C6     . DC B 2 13 ? 0.198   -16.205 5.761   1.60 0.25 ? 28 DC B C6     1 
ATOM 872 H "H5'"  . DC B 2 13 ? 4.346   -15.646 4.267   1.20 0.07 ? 28 DC B "H5'"  1 
ATOM 873 H "H5''" . DC B 2 13 ? 5.376   -16.953 4.906   1.20 0.07 ? 28 DC B "H5''" 1 
ATOM 874 H "H4'"  . DC B 2 13 ? 4.952   -15.297 6.658   1.20 0.06 ? 28 DC B "H4'"  1 
ATOM 875 H "H3'"  . DC B 2 13 ? 4.471   -17.988 7.087   1.20 0.06 ? 28 DC B "H3'"  1 
ATOM 876 H "H2'"  . DC B 2 13 ? 2.127   -17.858 6.783   1.20 0.05 ? 28 DC B "H2'"  1 
ATOM 877 H "H2''" . DC B 2 13 ? 2.233   -17.467 8.581   1.20 0.05 ? 28 DC B "H2''" 1 
ATOM 878 H "H1'"  . DC B 2 13 ? 2.168   -15.193 8.296   1.20 0.06 ? 28 DC B "H1'"  1 
ATOM 879 H H41    . DC B 2 13 ? -3.871  -14.642 6.441   1.20 0.29 ? 28 DC B H41    1 
ATOM 880 H H42    . DC B 2 13 ? -3.595  -15.605 4.985   1.20 0.29 ? 28 DC B H42    1 
ATOM 881 H H5     . DC B 2 13 ? -1.436  -16.556 4.426   1.20 0.06 ? 28 DC B H5     1 
ATOM 882 H H6     . DC B 2 13 ? 0.906   -16.773 5.156   1.20 0.06 ? 28 DC B H6     1 
ATOM 883 P P      . DT B 2 14 ? 4.777   -17.688 9.857   1.90 0.46 ? 29 DT B P      1 
ATOM 884 O OP1    . DT B 2 14 ? 6.095   -17.494 10.500  1.00 0.00 ? 29 DT B OP1    1 
ATOM 885 O OP2    . DT B 2 14 ? 4.490   -19.053 9.360   1.00 0.00 ? 29 DT B OP2    1 
ATOM 886 O "O5'"  . DT B 2 14 ? 3.618   -17.228 10.860  1.00 0.00 ? 29 DT B "O5'"  1 
ATOM 887 C "C5'"  . DT B 2 14 ? 3.747   -15.961 11.569  1.00 0.00 ? 29 DT B "C5'"  1 
ATOM 888 C "C4'"  . DT B 2 14 ? 2.535   -15.730 12.449  1.60 0.13 ? 29 DT B "C4'"  1 
ATOM 889 O "O4'"  . DT B 2 14 ? 1.343   -15.519 11.623  1.00 0.00 ? 29 DT B "O4'"  1 
ATOM 890 C "C3'"  . DT B 2 14 ? 2.216   -16.859 13.430  1.60 0.05 ? 29 DT B "C3'"  1 
ATOM 891 O "O3'"  . DT B 2 14 ? 1.890   -16.326 14.709  1.00 0.00 ? 29 DT B "O3'"  1 
ATOM 892 C "C2'"  . DT B 2 14 ? 1.006   -17.520 12.772  1.00 0.00 ? 29 DT B "C2'"  1 
ATOM 893 C "C1'"  . DT B 2 14 ? 0.298   -16.317 12.156  1.60 0.29 ? 29 DT B "C1'"  1 
ATOM 894 N N1     . DT B 2 14 ? -0.708  -16.667 11.115  1.00 0.00 ? 29 DT B N1     1 
ATOM 895 C C2     . DT B 2 14 ? -1.948  -16.087 11.225  1.60 0.52 ? 29 DT B C2     1 
ATOM 896 O O2     . DT B 2 14 ? -2.243  -15.316 12.122  1.00 0.00 ? 29 DT B O2     1 
ATOM 897 N N3     . DT B 2 14 ? -2.856  -16.435 10.242  1.00 0.00 ? 29 DT B N3     1 
ATOM 898 C C4     . DT B 2 14 ? -2.628  -17.295 9.187   1.60 0.43 ? 29 DT B C4     1 
ATOM 899 O O4     . DT B 2 14 ? -3.520  -17.530 8.368   1.00 0.00 ? 29 DT B O4     1 
ATOM 900 C C5     . DT B 2 14 ? -1.297  -17.855 9.157   1.00 0.00 ? 29 DT B C5     1 
ATOM 901 C C7     . DT B 2 14 ? -0.967  -18.799 8.041   1.00 0.00 ? 29 DT B C7     1 
ATOM 902 C C6     . DT B 2 14 ? -0.396  -17.532 10.099  1.60 0.08 ? 29 DT B C6     1 
ATOM 903 H "H5'"  . DT B 2 14 ? 3.825   -15.152 10.842  1.20 0.07 ? 29 DT B "H5'"  1 
ATOM 904 H "H5''" . DT B 2 14 ? 4.647   -15.989 12.184  1.20 0.07 ? 29 DT B "H5''" 1 
ATOM 905 H "H4'"  . DT B 2 14 ? 2.660   -14.801 13.004  1.20 0.06 ? 29 DT B "H4'"  1 
ATOM 906 H "H3'"  . DT B 2 14 ? 3.067   -17.538 13.491  1.20 0.06 ? 29 DT B "H3'"  1 
ATOM 907 H "H2'"  . DT B 2 14 ? 1.346   -18.241 12.028  1.20 0.05 ? 29 DT B "H2'"  1 
ATOM 908 H "H2''" . DT B 2 14 ? 0.345   -17.916 13.542  1.20 0.05 ? 29 DT B "H2''" 1 
ATOM 909 H "H1'"  . DT B 2 14 ? -0.179  -15.726 12.939  1.20 0.06 ? 29 DT B "H1'"  1 
ATOM 910 H H3     . DT B 2 14 ? -3.783  -16.017 10.303  1.20 0.29 ? 29 DT B H3     1 
ATOM 911 H H71    . DT B 2 14 ? 0.102   -19.012 8.049   1.20 0.05 ? 29 DT B H71    1 
ATOM 912 H H72    . DT B 2 14 ? -1.521  -19.728 8.174   1.20 0.05 ? 29 DT B H72    1 
ATOM 913 H H73    . DT B 2 14 ? -1.239  -18.346 7.088   1.20 0.05 ? 29 DT B H73    1 
ATOM 914 H H6     . DT B 2 14 ? 0.602   -17.968 10.056  1.20 0.06 ? 29 DT B H6     1 
ATOM 915 P P      . DA B 2 15 ? 1.724   -17.323 15.950  1.90 0.46 ? 30 DA B P      1 
ATOM 916 O OP1    . DA B 2 15 ? 2.128   -16.637 17.196  1.00 0.00 ? 30 DA B OP1    1 
ATOM 917 O OP2    . DA B 2 15 ? 2.416   -18.598 15.655  1.00 0.00 ? 30 DA B OP2    1 
ATOM 918 O "O5'"  . DA B 2 15 ? 0.142   -17.561 15.954  1.00 0.00 ? 30 DA B "O5'"  1 
ATOM 919 C "C5'"  . DA B 2 15 ? -0.736  -16.528 16.493  1.00 0.00 ? 30 DA B "C5'"  1 
ATOM 920 C "C4'"  . DA B 2 15 ? -2.172  -17.008 16.500  1.60 0.12 ? 30 DA B "C4'"  1 
ATOM 921 O "O4'"  . DA B 2 15 ? -2.719  -17.010 15.136  1.00 0.00 ? 30 DA B "O4'"  1 
ATOM 922 C "C3'"  . DA B 2 15 ? -2.396  -18.414 17.059  1.60 0.13 ? 30 DA B "C3'"  1 
ATOM 923 O "O3'"  . DA B 2 15 ? -3.395  -18.385 18.067  1.00 0.00 ? 30 DA B "O3'"  1 
ATOM 924 C "C2'"  . DA B 2 15 ? -2.866  -19.202 15.835  1.00 0.00 ? 30 DA B "C2'"  1 
ATOM 925 C "C1'"  . DA B 2 15 ? -3.594  -18.124 15.039  1.60 0.29 ? 30 DA B "C1'"  1 
ATOM 926 N N9     . DA B 2 15 ? -3.880  -18.485 13.622  1.00 0.00 ? 30 DA B N9     1 
ATOM 927 C C8     . DA B 2 15 ? -3.064  -19.102 12.701  1.60 0.26 ? 30 DA B C8     1 
ATOM 928 N N7     . DA B 2 15 ? -3.616  -19.278 11.541  1.00 0.00 ? 30 DA B N7     1 
ATOM 929 C C5     . DA B 2 15 ? -4.888  -18.744 11.692  1.60 0.03 ? 30 DA B C5     1 
ATOM 930 C C6     . DA B 2 15 ? -5.975  -18.624 10.811  1.60 0.36 ? 30 DA B C6     1 
ATOM 931 N N6     . DA B 2 15 ? -5.951  -19.055 9.541   1.00 0.00 ? 30 DA B N6     1 
ATOM 932 N N1     . DA B 2 15 ? -7.093  -18.041 11.282  1.00 0.00 ? 30 DA B N1     1 
ATOM 933 C C2     . DA B 2 15 ? -7.111  -17.614 12.544  1.60 0.25 ? 30 DA B C2     1 
ATOM 934 N N3     . DA B 2 15 ? -6.165  -17.672 13.454  1.00 0.00 ? 30 DA B N3     1 
ATOM 935 C C4     . DA B 2 15 ? -5.057  -18.259 12.957  1.60 0.23 ? 30 DA B C4     1 
ATOM 936 H "H5'"  . DA B 2 15 ? -0.652  -15.641 15.866  1.20 0.07 ? 30 DA B "H5'"  1 
ATOM 937 H "H5''" . DA B 2 15 ? -0.423  -16.289 17.510  1.20 0.07 ? 30 DA B "H5''" 1 
ATOM 938 H "H4'"  . DA B 2 15 ? -2.790  -16.300 17.052  1.20 0.06 ? 30 DA B "H4'"  1 
ATOM 939 H "H3'"  . DA B 2 15 ? -1.453  -18.799 17.446  1.20 0.06 ? 30 DA B "H3'"  1 
ATOM 940 H "H2'"  . DA B 2 15 ? -2.001  -19.609 15.311  1.20 0.05 ? 30 DA B "H2'"  1 
ATOM 941 H "H2''" . DA B 2 15 ? -3.616  -19.932 16.140  1.20 0.05 ? 30 DA B "H2''" 1 
ATOM 942 H "H1'"  . DA B 2 15 ? -4.522  -17.847 15.539  1.20 0.06 ? 30 DA B "H1'"  1 
ATOM 943 H H8     . DA B 2 15 ? -2.045  -19.414 12.930  1.20 0.07 ? 30 DA B H8     1 
ATOM 944 H H61    . DA B 2 15 ? -6.772  -18.940 8.947   1.20 0.29 ? 30 DA B H61    1 
ATOM 945 H H62    . DA B 2 15 ? -5.110  -19.498 9.170   1.20 0.29 ? 30 DA B H62    1 
ATOM 946 H H2     . DA B 2 15 ? -8.044  -17.151 12.868  1.20 0.07 ? 30 DA B H2     1 
# 
